data_5FCW
#
_entry.id   5FCW
#
_cell.length_a   53.443
_cell.length_b   84.548
_cell.length_c   94.307
_cell.angle_alpha   90.00
_cell.angle_beta   100.08
_cell.angle_gamma   90.00
#
_symmetry.space_group_name_H-M   'P 1 21 1'
#
loop_
_entity.id
_entity.type
_entity.pdbx_description
1 polymer 'Histone deacetylase 8'
2 non-polymer 4-naphthalen-1-yl-~{N}-oxidanyl-benzamide
3 non-polymer 'ZINC ION'
4 non-polymer 'POTASSIUM ION'
5 non-polymer 'HEXAETHYLENE GLYCOL'
6 non-polymer GLYCEROL
7 water water
#
_entity_poly.entity_id   1
_entity_poly.type   'polypeptide(L)'
_entity_poly.pdbx_seq_one_letter_code
;MEEPEEPADSGQSLVPVYIYSPEYVSMCDSLAKIPKRASMVHSLIEAYALHKQMRIVKPKVASMEEMATFHTDAYLQHLQ
KVSQEGDDDHPDSIEYGLGYDCPATEGIFDYAAAIGGATITAAQCLIDGMCKVAINWSGGWHHAKKDEASGFCYLNDAVL
GILRLRRKFERILYVDLDLHHGDGVEDAFSFTSKVMTVSLHKFSPGFFPGTGDVSDVGLGKGRYYSVNVPIQDGIQDEKY
YQICESVLKEVYQAFNPKAVVLQLGADTIAGDPMCSFNMTPVGIGKCLKYILQWQLATLILGGGGYNLANTARCWTYLTG
VILGKTLSSEIPDHEFFTAYGPDYVLEITPSCRPDRNEPHRIQQILNYIKGNLKHVVHHHHHH
;
_entity_poly.pdbx_strand_id   A,B
#
# COMPACT_ATOMS: atom_id res chain seq x y z
N SER A 13 36.36 13.23 -14.39
CA SER A 13 35.88 11.85 -14.24
C SER A 13 35.78 11.49 -12.77
N LEU A 14 36.20 12.41 -11.92
CA LEU A 14 36.29 12.16 -10.49
C LEU A 14 34.93 12.23 -9.78
N VAL A 15 34.18 13.31 -10.01
CA VAL A 15 32.96 13.57 -9.26
C VAL A 15 31.75 12.86 -9.86
N PRO A 16 30.81 12.43 -9.01
CA PRO A 16 29.61 11.74 -9.49
C PRO A 16 28.77 12.67 -10.34
N VAL A 17 28.10 12.11 -11.33
CA VAL A 17 27.11 12.84 -12.10
C VAL A 17 25.79 12.79 -11.34
N TYR A 18 25.14 13.94 -11.18
CA TYR A 18 23.83 14.02 -10.53
C TYR A 18 22.82 14.43 -11.59
N ILE A 19 21.93 13.51 -11.95
CA ILE A 19 20.92 13.82 -12.97
C ILE A 19 19.85 14.72 -12.36
N TYR A 20 19.72 15.94 -12.87
CA TYR A 20 18.84 16.93 -12.27
C TYR A 20 18.55 18.11 -13.20
N SER A 21 17.30 18.56 -13.18
CA SER A 21 16.95 19.90 -13.64
C SER A 21 15.64 20.24 -12.92
N PRO A 22 15.36 21.55 -12.74
CA PRO A 22 14.12 21.90 -12.06
C PRO A 22 12.91 21.41 -12.85
N GLU A 23 13.03 21.41 -14.16
CA GLU A 23 11.97 20.89 -15.02
C GLU A 23 11.75 19.40 -14.82
N TYR A 24 12.84 18.65 -14.64
CA TYR A 24 12.76 17.20 -14.47
C TYR A 24 12.10 16.88 -13.13
N VAL A 25 12.50 17.61 -12.09
CA VAL A 25 11.89 17.42 -10.77
C VAL A 25 10.39 17.74 -10.77
N SER A 26 9.99 18.85 -11.41
CA SER A 26 8.58 19.21 -11.51
C SER A 26 7.78 18.14 -12.25
N MET A 27 8.35 17.62 -13.33
CA MET A 27 7.74 16.51 -14.06
C MET A 27 7.60 15.26 -13.19
N CYS A 28 8.65 14.92 -12.43
CA CYS A 28 8.62 13.71 -11.59
C CYS A 28 7.58 13.80 -10.49
N ASP A 29 7.32 15.01 -10.02
CA ASP A 29 6.28 15.22 -9.02
C ASP A 29 4.89 15.47 -9.60
N SER A 30 4.79 15.55 -10.92
CA SER A 30 3.59 16.10 -11.55
C SER A 30 2.34 15.23 -11.47
N LEU A 31 2.51 13.93 -11.23
CA LEU A 31 1.36 13.03 -11.15
C LEU A 31 0.73 13.02 -9.77
N ALA A 32 1.51 13.44 -8.77
CA ALA A 32 1.08 13.45 -7.37
C ALA A 32 0.50 12.10 -6.91
N LYS A 33 1.33 11.06 -6.96
CA LYS A 33 0.97 9.77 -6.39
C LYS A 33 1.81 9.58 -5.12
N ILE A 34 3.09 9.86 -5.28
CA ILE A 34 3.97 10.07 -4.15
C ILE A 34 4.31 11.56 -4.19
N PRO A 35 3.36 12.41 -3.75
CA PRO A 35 3.39 13.85 -4.02
C PRO A 35 4.61 14.58 -3.45
N LYS A 36 5.33 15.30 -4.31
CA LYS A 36 6.47 16.13 -3.92
C LYS A 36 7.72 15.33 -3.55
N ARG A 37 7.73 14.02 -3.82
CA ARG A 37 8.88 13.21 -3.38
C ARG A 37 10.17 13.64 -4.04
N ALA A 38 10.14 13.86 -5.35
CA ALA A 38 11.35 14.27 -6.07
C ALA A 38 11.86 15.63 -5.58
N SER A 39 10.94 16.56 -5.36
CA SER A 39 11.33 17.85 -4.83
C SER A 39 11.92 17.72 -3.41
N MET A 40 11.29 16.92 -2.55
CA MET A 40 11.82 16.75 -1.19
C MET A 40 13.21 16.12 -1.20
N VAL A 41 13.42 15.12 -2.07
CA VAL A 41 14.72 14.47 -2.15
C VAL A 41 15.78 15.46 -2.60
N HIS A 42 15.51 16.17 -3.70
CA HIS A 42 16.48 17.16 -4.17
C HIS A 42 16.70 18.30 -3.16
N SER A 43 15.63 18.78 -2.55
CA SER A 43 15.76 19.90 -1.64
CA SER A 43 15.69 19.88 -1.58
C SER A 43 16.59 19.56 -0.40
N LEU A 44 16.50 18.32 0.09
CA LEU A 44 17.34 17.94 1.23
C LEU A 44 18.81 17.79 0.81
N ILE A 45 19.03 17.17 -0.34
CA ILE A 45 20.36 17.05 -0.92
C ILE A 45 20.98 18.45 -1.10
N GLU A 46 20.18 19.37 -1.61
CA GLU A 46 20.59 20.77 -1.77
C GLU A 46 20.83 21.44 -0.41
N ALA A 47 19.93 21.19 0.54
CA ALA A 47 20.06 21.75 1.89
C ALA A 47 21.39 21.39 2.55
N TYR A 48 21.90 20.20 2.25
CA TYR A 48 23.19 19.74 2.75
C TYR A 48 24.32 20.16 1.82
N ALA A 49 23.98 20.87 0.75
CA ALA A 49 24.95 21.36 -0.24
C ALA A 49 25.72 20.27 -1.01
N LEU A 50 25.17 19.07 -1.04
CA LEU A 50 25.82 17.97 -1.76
C LEU A 50 25.90 18.19 -3.26
N HIS A 51 24.98 18.98 -3.81
CA HIS A 51 24.95 19.18 -5.26
C HIS A 51 26.19 19.95 -5.74
N LYS A 52 26.76 20.75 -4.83
CA LYS A 52 27.98 21.50 -5.10
C LYS A 52 29.16 20.58 -5.38
N GLN A 53 29.11 19.38 -4.82
CA GLN A 53 30.20 18.42 -4.95
C GLN A 53 29.98 17.43 -6.10
N MET A 54 29.00 17.72 -6.94
CA MET A 54 28.62 16.80 -8.03
C MET A 54 28.51 17.51 -9.37
N ARG A 55 28.66 16.75 -10.45
CA ARG A 55 28.49 17.27 -11.80
C ARG A 55 27.01 17.20 -12.16
N ILE A 56 26.33 18.33 -12.11
CA ILE A 56 24.90 18.34 -12.39
C ILE A 56 24.65 18.21 -13.90
N VAL A 57 23.98 17.12 -14.31
CA VAL A 57 23.69 16.90 -15.72
C VAL A 57 22.19 16.98 -15.96
N LYS A 58 21.80 17.76 -16.96
CA LYS A 58 20.41 17.90 -17.34
C LYS A 58 19.99 16.65 -18.12
N PRO A 59 18.89 16.01 -17.73
CA PRO A 59 18.52 14.78 -18.46
C PRO A 59 17.87 15.09 -19.79
N LYS A 60 18.08 14.22 -20.77
CA LYS A 60 17.33 14.31 -22.01
C LYS A 60 16.09 13.44 -21.93
N VAL A 61 15.09 13.76 -22.73
CA VAL A 61 13.87 12.96 -22.86
C VAL A 61 14.17 11.78 -23.76
N ALA A 62 13.67 10.61 -23.43
CA ALA A 62 13.91 9.43 -24.26
C ALA A 62 13.12 9.54 -25.56
N SER A 63 13.75 9.22 -26.68
CA SER A 63 13.05 9.20 -27.98
C SER A 63 12.23 7.93 -28.07
N MET A 64 11.33 7.86 -29.05
CA MET A 64 10.51 6.68 -29.26
C MET A 64 11.42 5.47 -29.47
N GLU A 65 12.48 5.65 -30.24
CA GLU A 65 13.38 4.54 -30.58
C GLU A 65 14.13 4.05 -29.35
N GLU A 66 14.47 4.97 -28.46
CA GLU A 66 15.15 4.56 -27.22
C GLU A 66 14.21 3.77 -26.34
N MET A 67 12.97 4.24 -26.18
CA MET A 67 11.98 3.51 -25.40
C MET A 67 11.66 2.15 -26.03
N ALA A 68 11.66 2.11 -27.36
CA ALA A 68 11.37 0.87 -28.07
C ALA A 68 12.48 -0.19 -27.96
N THR A 69 13.62 0.15 -27.37
CA THR A 69 14.69 -0.85 -27.21
C THR A 69 14.20 -1.98 -26.31
N PHE A 70 13.25 -1.65 -25.44
CA PHE A 70 12.64 -2.64 -24.56
C PHE A 70 11.14 -2.78 -24.81
N HIS A 71 10.42 -1.67 -24.80
CA HIS A 71 8.97 -1.72 -24.83
C HIS A 71 8.45 -1.93 -26.25
N THR A 72 7.33 -2.61 -26.41
CA THR A 72 6.78 -2.86 -27.74
C THR A 72 6.17 -1.60 -28.32
N ASP A 73 6.15 -1.51 -29.65
CA ASP A 73 5.55 -0.36 -30.33
C ASP A 73 4.07 -0.21 -29.97
N ALA A 74 3.39 -1.34 -29.90
CA ALA A 74 1.98 -1.35 -29.52
C ALA A 74 1.76 -0.73 -28.14
N TYR A 75 2.61 -1.08 -27.16
CA TYR A 75 2.46 -0.49 -25.81
C TYR A 75 2.78 1.01 -25.77
N LEU A 76 3.89 1.39 -26.41
CA LEU A 76 4.29 2.79 -26.47
C LEU A 76 3.24 3.65 -27.19
N GLN A 77 2.68 3.11 -28.28
CA GLN A 77 1.66 3.84 -29.02
C GLN A 77 0.38 4.01 -28.21
N HIS A 78 -0.03 2.96 -27.50
CA HIS A 78 -1.19 3.08 -26.61
C HIS A 78 -0.96 4.13 -25.54
N LEU A 79 0.19 4.03 -24.86
CA LEU A 79 0.55 4.99 -23.82
C LEU A 79 0.52 6.40 -24.38
N GLN A 80 1.06 6.57 -25.58
CA GLN A 80 1.08 7.86 -26.24
C GLN A 80 -0.36 8.35 -26.52
N LYS A 81 -1.21 7.45 -27.02
CA LYS A 81 -2.60 7.79 -27.34
C LYS A 81 -3.42 8.26 -26.12
N VAL A 82 -3.43 7.46 -25.04
CA VAL A 82 -4.19 7.82 -23.85
C VAL A 82 -3.61 9.04 -23.14
N SER A 83 -2.40 9.41 -23.53
CA SER A 83 -1.74 10.57 -22.94
C SER A 83 -2.21 11.89 -23.59
N GLN A 84 -2.65 11.84 -24.84
CA GLN A 84 -3.09 13.04 -25.56
C GLN A 84 -4.18 13.80 -24.80
N GLU A 85 -5.30 13.14 -24.50
CA GLU A 85 -6.31 13.70 -23.61
C GLU A 85 -6.20 12.97 -22.27
N GLY A 86 -7.18 13.17 -21.40
CA GLY A 86 -7.28 12.37 -20.20
C GLY A 86 -7.42 10.91 -20.60
N ASP A 87 -8.60 10.55 -21.10
CA ASP A 87 -8.90 9.17 -21.52
C ASP A 87 -8.63 8.16 -20.42
N ASP A 89 -10.12 5.08 -19.77
CA ASP A 89 -11.34 4.43 -20.24
C ASP A 89 -11.17 3.70 -21.57
N HIS A 90 -10.00 3.85 -22.20
CA HIS A 90 -9.74 3.20 -23.47
C HIS A 90 -9.95 1.69 -23.32
N PRO A 91 -10.66 1.08 -24.27
CA PRO A 91 -10.97 -0.36 -24.23
C PRO A 91 -9.71 -1.24 -24.11
N ASP A 92 -8.60 -0.76 -24.66
CA ASP A 92 -7.34 -1.51 -24.63
C ASP A 92 -6.51 -1.32 -23.35
N SER A 93 -6.89 -0.35 -22.52
CA SER A 93 -6.08 0.04 -21.34
C SER A 93 -5.72 -1.07 -20.34
N ILE A 94 -6.68 -1.93 -20.02
CA ILE A 94 -6.46 -3.03 -19.09
C ILE A 94 -5.38 -3.99 -19.63
N GLU A 95 -5.46 -4.27 -20.93
CA GLU A 95 -4.48 -5.10 -21.62
C GLU A 95 -3.05 -4.58 -21.43
N TYR A 96 -2.93 -3.26 -21.26
CA TYR A 96 -1.64 -2.61 -21.16
C TYR A 96 -1.28 -2.22 -19.72
N GLY A 97 -2.07 -2.70 -18.76
CA GLY A 97 -1.77 -2.51 -17.35
C GLY A 97 -2.13 -1.15 -16.79
N LEU A 98 -2.93 -0.39 -17.52
CA LEU A 98 -3.33 0.94 -17.07
C LEU A 98 -4.71 0.93 -16.39
N GLY A 99 -4.97 1.93 -15.54
CA GLY A 99 -6.32 2.16 -15.04
C GLY A 99 -6.49 2.05 -13.54
N TYR A 100 -5.52 1.42 -12.87
CA TYR A 100 -5.57 1.25 -11.42
C TYR A 100 -4.39 1.98 -10.79
N ASP A 101 -3.32 1.25 -10.50
CA ASP A 101 -2.08 1.82 -9.96
C ASP A 101 -1.40 2.75 -10.97
N CYS A 102 -1.68 2.50 -12.25
CA CYS A 102 -1.15 3.34 -13.32
C CYS A 102 -2.28 3.97 -14.14
N PRO A 103 -2.85 5.08 -13.64
CA PRO A 103 -3.93 5.71 -14.41
C PRO A 103 -3.43 6.34 -15.71
N ALA A 104 -4.29 6.39 -16.72
CA ALA A 104 -3.92 7.02 -17.98
C ALA A 104 -4.17 8.53 -17.92
N THR A 105 -3.23 9.27 -17.31
CA THR A 105 -3.43 10.70 -17.08
C THR A 105 -2.88 11.61 -18.19
N GLU A 106 -2.67 12.88 -17.85
CA GLU A 106 -2.24 13.97 -18.73
C GLU A 106 -1.12 13.64 -19.71
N GLY A 107 0.04 14.24 -19.51
CA GLY A 107 1.18 13.87 -20.34
C GLY A 107 1.89 12.70 -19.68
N ILE A 108 1.14 11.62 -19.42
CA ILE A 108 1.70 10.42 -18.82
C ILE A 108 2.85 9.89 -19.67
N PHE A 109 2.74 10.05 -20.98
CA PHE A 109 3.76 9.59 -21.91
C PHE A 109 5.00 10.44 -21.77
N ASP A 110 4.79 11.73 -21.55
CA ASP A 110 5.92 12.64 -21.41
C ASP A 110 6.64 12.39 -20.08
N TYR A 111 5.86 12.03 -19.07
CA TYR A 111 6.38 11.68 -17.76
C TYR A 111 7.27 10.45 -17.90
N ALA A 112 6.71 9.41 -18.50
CA ALA A 112 7.46 8.16 -18.73
C ALA A 112 8.74 8.42 -19.50
N ALA A 113 8.65 9.21 -20.57
CA ALA A 113 9.81 9.46 -21.44
C ALA A 113 10.85 10.29 -20.71
N ALA A 114 10.40 11.13 -19.79
CA ALA A 114 11.33 11.94 -19.02
C ALA A 114 12.14 11.03 -18.09
N ILE A 115 11.46 10.12 -17.40
CA ILE A 115 12.13 9.23 -16.46
C ILE A 115 13.03 8.24 -17.21
N GLY A 116 12.50 7.66 -18.29
CA GLY A 116 13.32 6.80 -19.13
C GLY A 116 14.54 7.54 -19.64
N GLY A 117 14.34 8.75 -20.14
CA GLY A 117 15.45 9.54 -20.65
C GLY A 117 16.52 9.87 -19.62
N ALA A 118 16.09 10.14 -18.39
CA ALA A 118 17.04 10.50 -17.35
C ALA A 118 17.98 9.33 -17.07
N THR A 119 17.44 8.11 -17.05
CA THR A 119 18.29 6.97 -16.74
C THR A 119 19.24 6.66 -17.91
N ILE A 120 18.74 6.85 -19.14
CA ILE A 120 19.57 6.69 -20.33
C ILE A 120 20.70 7.73 -20.33
N THR A 121 20.37 8.96 -19.95
CA THR A 121 21.38 10.01 -19.86
C THR A 121 22.49 9.63 -18.88
N ALA A 122 22.09 9.16 -17.70
CA ALA A 122 23.05 8.70 -16.71
C ALA A 122 23.94 7.62 -17.31
N ALA A 123 23.32 6.63 -17.95
CA ALA A 123 24.07 5.56 -18.59
C ALA A 123 25.05 6.10 -19.63
N GLN A 124 24.61 7.07 -20.43
CA GLN A 124 25.47 7.62 -21.47
C GLN A 124 26.65 8.35 -20.85
N CYS A 125 26.43 8.99 -19.70
CA CYS A 125 27.51 9.65 -18.97
C CYS A 125 28.58 8.63 -18.57
N LEU A 126 28.14 7.46 -18.14
CA LEU A 126 29.06 6.41 -17.73
C LEU A 126 29.85 5.87 -18.92
N ILE A 127 29.16 5.70 -20.04
CA ILE A 127 29.77 5.20 -21.28
C ILE A 127 30.87 6.16 -21.76
N ASP A 128 30.58 7.46 -21.71
CA ASP A 128 31.51 8.47 -22.19
C ASP A 128 32.65 8.75 -21.21
N GLY A 129 32.66 8.04 -20.08
CA GLY A 129 33.72 8.22 -19.11
C GLY A 129 33.68 9.55 -18.39
N MET A 130 32.53 10.22 -18.45
CA MET A 130 32.34 11.49 -17.73
C MET A 130 32.42 11.33 -16.21
N CYS A 131 32.18 10.11 -15.72
CA CYS A 131 32.11 9.84 -14.29
C CYS A 131 32.22 8.35 -14.07
N LYS A 132 32.38 7.93 -12.82
CA LYS A 132 32.33 6.51 -12.48
C LYS A 132 30.98 6.16 -11.82
N VAL A 133 30.30 7.18 -11.30
CA VAL A 133 29.00 7.01 -10.65
C VAL A 133 28.06 8.08 -11.20
N ALA A 134 26.86 7.67 -11.61
CA ALA A 134 25.84 8.60 -12.09
C ALA A 134 24.52 8.29 -11.40
N ILE A 135 23.88 9.32 -10.87
CA ILE A 135 22.75 9.15 -9.96
C ILE A 135 21.45 9.69 -10.56
N ASN A 136 20.40 8.85 -10.60
CA ASN A 136 19.06 9.30 -10.96
C ASN A 136 18.09 8.83 -9.90
N TRP A 137 17.92 9.62 -8.84
CA TRP A 137 17.06 9.16 -7.73
C TRP A 137 15.60 9.02 -8.14
N SER A 138 15.22 9.57 -9.28
CA SER A 138 13.83 9.49 -9.70
C SER A 138 13.56 8.29 -10.61
N GLY A 139 14.59 7.49 -10.87
CA GLY A 139 14.42 6.28 -11.66
C GLY A 139 14.30 5.05 -10.77
N GLY A 140 14.38 3.87 -11.38
CA GLY A 140 14.26 2.63 -10.64
C GLY A 140 12.88 1.97 -10.72
N TRP A 141 12.18 2.20 -11.83
CA TRP A 141 10.83 1.65 -11.99
C TRP A 141 10.87 0.24 -12.54
N HIS A 142 11.17 -0.70 -11.63
CA HIS A 142 11.64 -2.02 -11.99
C HIS A 142 10.57 -3.05 -12.35
N HIS A 143 9.30 -2.72 -12.14
CA HIS A 143 8.22 -3.70 -12.42
C HIS A 143 7.66 -3.69 -13.85
N ALA A 144 7.86 -2.60 -14.57
CA ALA A 144 7.26 -2.47 -15.90
C ALA A 144 7.76 -3.55 -16.85
N LYS A 145 6.85 -4.04 -17.69
CA LYS A 145 7.17 -5.10 -18.65
C LYS A 145 7.25 -4.51 -20.05
N LYS A 146 7.67 -5.33 -21.02
CA LYS A 146 7.87 -4.80 -22.36
C LYS A 146 6.55 -4.25 -22.94
N ASP A 147 5.43 -4.83 -22.53
CA ASP A 147 4.15 -4.47 -23.14
C ASP A 147 3.07 -4.15 -22.11
N GLU A 148 3.46 -3.70 -20.92
CA GLU A 148 2.48 -3.56 -19.84
C GLU A 148 3.05 -2.78 -18.66
N ALA A 149 2.34 -1.74 -18.23
CA ALA A 149 2.66 -1.10 -16.97
C ALA A 149 2.43 -2.12 -15.86
N SER A 150 3.12 -1.94 -14.73
CA SER A 150 2.94 -2.86 -13.60
C SER A 150 3.52 -2.27 -12.34
N GLY A 151 2.80 -2.41 -11.23
CA GLY A 151 3.27 -1.96 -9.92
C GLY A 151 3.74 -0.52 -9.91
N PHE A 152 2.89 0.38 -10.39
CA PHE A 152 3.16 1.82 -10.44
C PHE A 152 4.21 2.20 -11.49
N CYS A 153 4.72 1.22 -12.24
CA CYS A 153 5.77 1.50 -13.24
C CYS A 153 5.19 1.52 -14.64
N TYR A 154 5.27 2.69 -15.30
CA TYR A 154 4.77 2.83 -16.67
C TYR A 154 5.81 2.34 -17.67
N LEU A 155 7.07 2.54 -17.32
CA LEU A 155 8.15 2.27 -18.23
C LEU A 155 9.34 1.80 -17.41
N ASN A 156 10.11 0.84 -17.93
CA ASN A 156 11.21 0.28 -17.15
C ASN A 156 12.53 0.97 -17.44
N ASP A 157 12.82 2.01 -16.68
CA ASP A 157 13.98 2.83 -16.98
C ASP A 157 15.26 2.06 -16.64
N ALA A 158 15.19 1.17 -15.65
CA ALA A 158 16.34 0.32 -15.33
C ALA A 158 16.75 -0.51 -16.54
N VAL A 159 15.78 -1.18 -17.16
CA VAL A 159 16.08 -1.94 -18.38
C VAL A 159 16.63 -1.03 -19.46
N LEU A 160 16.01 0.13 -19.65
CA LEU A 160 16.48 1.05 -20.66
C LEU A 160 17.93 1.47 -20.38
N GLY A 161 18.25 1.70 -19.10
CA GLY A 161 19.62 2.04 -18.73
C GLY A 161 20.60 0.91 -19.03
N ILE A 162 20.24 -0.31 -18.63
CA ILE A 162 21.08 -1.46 -18.88
C ILE A 162 21.31 -1.68 -20.40
N LEU A 163 20.26 -1.53 -21.20
CA LEU A 163 20.37 -1.69 -22.64
C LEU A 163 21.25 -0.61 -23.26
N ARG A 164 21.29 0.57 -22.65
CA ARG A 164 22.20 1.61 -23.12
C ARG A 164 23.64 1.23 -22.74
N LEU A 165 23.84 0.77 -21.51
CA LEU A 165 25.17 0.30 -21.09
C LEU A 165 25.70 -0.83 -21.96
N ARG A 166 24.80 -1.66 -22.50
CA ARG A 166 25.23 -2.78 -23.34
C ARG A 166 25.92 -2.34 -24.62
N ARG A 167 25.83 -1.05 -24.96
CA ARG A 167 26.55 -0.53 -26.13
C ARG A 167 28.05 -0.68 -25.93
N LYS A 168 28.48 -0.64 -24.66
CA LYS A 168 29.90 -0.68 -24.33
C LYS A 168 30.30 -1.89 -23.48
N PHE A 169 29.48 -2.21 -22.48
CA PHE A 169 29.85 -3.24 -21.51
C PHE A 169 29.28 -4.60 -21.85
N GLU A 170 30.13 -5.63 -21.76
CA GLU A 170 29.76 -6.98 -22.15
C GLU A 170 29.05 -7.73 -21.03
N ARG A 171 29.33 -7.34 -19.79
CA ARG A 171 28.67 -7.97 -18.67
C ARG A 171 28.21 -6.91 -17.68
N ILE A 172 26.91 -6.87 -17.44
CA ILE A 172 26.33 -5.88 -16.55
C ILE A 172 25.66 -6.56 -15.37
N LEU A 173 25.95 -6.09 -14.16
CA LEU A 173 25.29 -6.60 -12.96
C LEU A 173 24.22 -5.60 -12.54
N TYR A 174 22.99 -6.08 -12.38
CA TYR A 174 21.91 -5.27 -11.83
C TYR A 174 21.64 -5.74 -10.40
N VAL A 175 21.75 -4.83 -9.44
CA VAL A 175 21.49 -5.15 -8.04
C VAL A 175 20.27 -4.39 -7.57
N ASP A 176 19.31 -5.10 -7.00
CA ASP A 176 18.03 -4.49 -6.66
C ASP A 176 17.75 -4.64 -5.17
N LEU A 177 17.92 -3.56 -4.40
CA LEU A 177 17.73 -3.61 -2.95
C LEU A 177 16.38 -3.05 -2.51
N ASP A 178 15.51 -2.76 -3.48
CA ASP A 178 14.13 -2.39 -3.19
C ASP A 178 13.45 -3.50 -2.36
N LEU A 179 12.42 -3.15 -1.58
CA LEU A 179 11.68 -4.16 -0.80
C LEU A 179 11.07 -5.25 -1.70
N HIS A 180 10.71 -4.86 -2.91
CA HIS A 180 10.01 -5.78 -3.83
C HIS A 180 10.95 -6.45 -4.84
N HIS A 181 10.58 -7.63 -5.29
CA HIS A 181 11.36 -8.35 -6.31
C HIS A 181 11.37 -7.52 -7.61
N GLY A 182 12.56 -7.28 -8.17
CA GLY A 182 12.68 -6.54 -9.42
C GLY A 182 12.36 -7.44 -10.59
N ASP A 183 11.12 -7.90 -10.62
CA ASP A 183 10.71 -8.89 -11.60
C ASP A 183 10.81 -8.39 -13.05
N GLY A 184 10.57 -7.10 -13.26
CA GLY A 184 10.54 -6.56 -14.61
C GLY A 184 11.92 -6.55 -15.27
N VAL A 185 12.92 -6.13 -14.51
CA VAL A 185 14.30 -6.18 -15.01
C VAL A 185 14.78 -7.64 -15.12
N GLU A 186 14.47 -8.45 -14.12
CA GLU A 186 14.94 -9.84 -14.18
C GLU A 186 14.34 -10.55 -15.41
N ASP A 187 13.04 -10.39 -15.62
CA ASP A 187 12.39 -11.02 -16.77
C ASP A 187 12.98 -10.57 -18.10
N ALA A 188 13.29 -9.28 -18.22
CA ALA A 188 13.90 -8.75 -19.44
C ALA A 188 15.19 -9.49 -19.79
N PHE A 189 15.95 -9.88 -18.76
CA PHE A 189 17.28 -10.44 -18.98
C PHE A 189 17.41 -11.91 -18.53
N SER A 190 16.29 -12.59 -18.35
CA SER A 190 16.31 -13.91 -17.74
C SER A 190 16.83 -14.98 -18.71
N PHE A 191 16.93 -14.62 -19.99
CA PHE A 191 17.41 -15.56 -21.01
C PHE A 191 18.83 -15.28 -21.45
N THR A 192 19.50 -14.33 -20.82
CA THR A 192 20.84 -13.99 -21.27
C THR A 192 21.86 -13.99 -20.15
N SER A 193 23.10 -14.31 -20.50
CA SER A 193 24.19 -14.31 -19.52
C SER A 193 24.96 -12.98 -19.55
N LYS A 194 24.60 -12.09 -20.48
CA LYS A 194 25.22 -10.76 -20.54
C LYS A 194 24.83 -9.88 -19.37
N VAL A 195 23.64 -10.11 -18.81
CA VAL A 195 23.16 -9.36 -17.66
C VAL A 195 22.77 -10.30 -16.53
N MET A 196 23.42 -10.13 -15.38
CA MET A 196 23.02 -10.86 -14.19
C MET A 196 22.20 -9.91 -13.32
N THR A 197 21.10 -10.42 -12.79
CA THR A 197 20.24 -9.63 -11.91
C THR A 197 20.25 -10.29 -10.53
N VAL A 198 20.32 -9.45 -9.49
CA VAL A 198 20.41 -9.91 -8.12
C VAL A 198 19.41 -9.10 -7.31
N SER A 199 18.38 -9.77 -6.78
CA SER A 199 17.36 -9.04 -6.04
C SER A 199 17.28 -9.58 -4.62
N LEU A 200 17.40 -8.69 -3.63
CA LEU A 200 17.07 -9.01 -2.24
C LEU A 200 15.71 -8.36 -2.04
N HIS A 201 14.75 -9.13 -1.51
CA HIS A 201 13.38 -8.64 -1.46
C HIS A 201 12.58 -9.44 -0.47
N LYS A 202 11.50 -8.85 0.05
CA LYS A 202 10.55 -9.62 0.83
C LYS A 202 9.90 -10.64 -0.10
N PHE A 203 9.81 -11.89 0.36
CA PHE A 203 9.12 -12.93 -0.39
C PHE A 203 8.21 -13.70 0.54
N SER A 204 6.92 -13.64 0.26
CA SER A 204 5.89 -14.18 1.14
C SER A 204 4.60 -14.34 0.34
N PRO A 205 3.90 -15.47 0.52
CA PRO A 205 2.69 -15.67 -0.29
C PRO A 205 1.65 -14.57 -0.08
N GLY A 206 1.29 -13.91 -1.19
CA GLY A 206 0.37 -12.80 -1.13
C GLY A 206 1.09 -11.47 -1.20
N PHE A 207 2.42 -11.49 -1.11
CA PHE A 207 3.22 -10.26 -1.18
C PHE A 207 3.71 -9.98 -2.61
N PHE A 208 3.49 -8.76 -3.08
CA PHE A 208 3.77 -8.39 -4.46
C PHE A 208 5.26 -8.42 -4.78
N PRO A 209 5.63 -8.88 -5.99
CA PRO A 209 4.74 -9.39 -7.03
C PRO A 209 4.52 -10.90 -6.99
N GLY A 210 5.05 -11.59 -5.99
CA GLY A 210 4.79 -13.02 -5.87
C GLY A 210 5.89 -13.91 -6.42
N THR A 211 6.81 -13.33 -7.16
CA THR A 211 7.91 -14.07 -7.77
C THR A 211 9.22 -13.83 -7.03
N GLY A 212 10.26 -14.56 -7.44
CA GLY A 212 11.60 -14.35 -6.91
C GLY A 212 12.00 -15.22 -5.73
N ASP A 213 11.57 -16.48 -5.73
CA ASP A 213 12.05 -17.41 -4.70
C ASP A 213 13.49 -17.75 -5.05
N VAL A 214 14.27 -18.30 -4.13
CA VAL A 214 15.68 -18.61 -4.40
C VAL A 214 15.86 -19.58 -5.57
N SER A 215 14.83 -20.38 -5.85
CA SER A 215 14.85 -21.31 -6.98
C SER A 215 14.69 -20.60 -8.34
N ASP A 216 14.32 -19.32 -8.33
CA ASP A 216 14.27 -18.53 -9.56
C ASP A 216 15.69 -18.18 -9.99
N VAL A 217 16.20 -18.87 -11.02
CA VAL A 217 17.61 -18.71 -11.38
C VAL A 217 17.82 -18.30 -12.84
N GLY A 218 16.73 -18.10 -13.58
CA GLY A 218 16.87 -17.69 -14.97
C GLY A 218 16.59 -18.88 -15.85
N LEU A 219 16.60 -18.68 -17.17
CA LEU A 219 16.15 -19.69 -18.13
C LEU A 219 17.08 -19.76 -19.34
N GLY A 220 17.21 -20.96 -19.91
CA GLY A 220 18.00 -21.16 -21.12
C GLY A 220 19.43 -20.75 -20.93
N LYS A 221 19.95 -19.90 -21.83
CA LYS A 221 21.32 -19.38 -21.69
C LYS A 221 21.49 -18.47 -20.47
N GLY A 222 20.38 -18.01 -19.88
CA GLY A 222 20.45 -17.10 -18.73
C GLY A 222 20.36 -17.85 -17.42
N ARG A 223 20.33 -19.17 -17.51
CA ARG A 223 20.17 -19.96 -16.31
C ARG A 223 21.35 -19.78 -15.36
N TYR A 224 21.04 -19.53 -14.10
CA TYR A 224 22.00 -19.19 -13.05
C TYR A 224 22.50 -17.74 -13.14
N TYR A 225 21.98 -16.98 -14.10
CA TYR A 225 22.31 -15.56 -14.15
C TYR A 225 21.23 -14.66 -13.51
N SER A 226 20.23 -15.28 -12.90
CA SER A 226 19.29 -14.57 -12.03
C SER A 226 19.51 -15.06 -10.61
N VAL A 227 19.70 -14.13 -9.68
CA VAL A 227 19.92 -14.49 -8.29
C VAL A 227 18.86 -13.83 -7.45
N ASN A 228 18.16 -14.62 -6.65
CA ASN A 228 17.10 -14.08 -5.79
C ASN A 228 17.31 -14.43 -4.33
N VAL A 229 17.17 -13.45 -3.46
CA VAL A 229 17.33 -13.65 -2.02
C VAL A 229 16.03 -13.30 -1.33
N PRO A 230 15.20 -14.32 -1.05
CA PRO A 230 13.91 -14.13 -0.40
C PRO A 230 14.08 -13.91 1.11
N ILE A 231 13.57 -12.78 1.61
CA ILE A 231 13.78 -12.38 3.01
C ILE A 231 12.42 -12.14 3.69
N GLN A 232 12.35 -12.32 5.01
CA GLN A 232 11.08 -12.14 5.74
C GLN A 232 10.99 -10.81 6.46
N ASP A 233 9.82 -10.51 7.02
CA ASP A 233 9.60 -9.24 7.72
C ASP A 233 10.63 -9.00 8.82
N GLY A 234 10.95 -7.73 9.05
CA GLY A 234 11.65 -7.31 10.24
C GLY A 234 13.17 -7.34 10.19
N ILE A 235 13.77 -7.67 9.05
CA ILE A 235 15.22 -7.66 8.95
C ILE A 235 15.83 -6.28 9.26
N GLN A 236 16.97 -6.27 9.97
CA GLN A 236 17.66 -5.02 10.33
C GLN A 236 19.04 -4.93 9.67
N ASP A 237 19.71 -3.80 9.89
CA ASP A 237 20.96 -3.46 9.19
C ASP A 237 22.04 -4.56 9.16
N GLU A 238 22.45 -5.05 10.34
CA GLU A 238 23.53 -6.05 10.39
C GLU A 238 23.26 -7.29 9.57
N LYS A 239 22.15 -7.98 9.85
CA LYS A 239 21.80 -9.21 9.15
CA LYS A 239 21.84 -9.22 9.14
C LYS A 239 21.66 -8.99 7.64
N TYR A 240 21.04 -7.87 7.27
CA TYR A 240 20.88 -7.54 5.85
C TYR A 240 22.25 -7.38 5.19
N TYR A 241 23.12 -6.58 5.80
CA TYR A 241 24.46 -6.42 5.22
C TYR A 241 25.21 -7.74 5.12
N GLN A 242 25.09 -8.60 6.13
CA GLN A 242 25.77 -9.90 6.10
C GLN A 242 25.31 -10.73 4.92
N ILE A 243 23.99 -10.76 4.70
CA ILE A 243 23.46 -11.44 3.52
C ILE A 243 23.90 -10.79 2.22
N CYS A 244 23.76 -9.48 2.13
CA CYS A 244 24.09 -8.76 0.90
C CYS A 244 25.55 -8.90 0.53
N GLU A 245 26.42 -8.77 1.52
CA GLU A 245 27.86 -8.89 1.29
CA GLU A 245 27.86 -8.89 1.30
C GLU A 245 28.24 -10.31 0.86
N SER A 246 27.66 -11.32 1.51
CA SER A 246 28.01 -12.69 1.14
CA SER A 246 27.95 -12.71 1.15
C SER A 246 27.61 -13.00 -0.31
N VAL A 247 26.44 -12.54 -0.74
CA VAL A 247 25.98 -12.78 -2.11
C VAL A 247 26.81 -11.98 -3.10
N LEU A 248 27.04 -10.70 -2.83
CA LEU A 248 27.78 -9.86 -3.76
C LEU A 248 29.23 -10.31 -3.93
N LYS A 249 29.84 -10.79 -2.84
CA LYS A 249 31.22 -11.30 -2.93
C LYS A 249 31.30 -12.43 -3.93
N GLU A 250 30.35 -13.37 -3.83
CA GLU A 250 30.29 -14.51 -4.75
C GLU A 250 29.88 -14.14 -6.17
N VAL A 251 28.95 -13.20 -6.29
CA VAL A 251 28.51 -12.75 -7.60
C VAL A 251 29.67 -12.08 -8.30
N TYR A 252 30.40 -11.25 -7.57
CA TYR A 252 31.54 -10.54 -8.16
C TYR A 252 32.59 -11.53 -8.69
N GLN A 253 32.96 -12.49 -7.84
CA GLN A 253 33.93 -13.52 -8.23
C GLN A 253 33.48 -14.33 -9.44
N ALA A 254 32.22 -14.76 -9.43
CA ALA A 254 31.72 -15.63 -10.50
C ALA A 254 31.47 -14.89 -11.79
N PHE A 255 31.01 -13.64 -11.69
CA PHE A 255 30.49 -12.96 -12.88
C PHE A 255 31.41 -11.87 -13.44
N ASN A 256 32.27 -11.30 -12.60
CA ASN A 256 33.21 -10.27 -13.04
C ASN A 256 32.52 -9.17 -13.86
N PRO A 257 31.58 -8.45 -13.22
CA PRO A 257 30.79 -7.45 -13.95
C PRO A 257 31.67 -6.33 -14.47
N LYS A 258 31.29 -5.70 -15.57
CA LYS A 258 32.05 -4.58 -16.10
C LYS A 258 31.35 -3.26 -15.77
N ALA A 259 30.09 -3.36 -15.36
CA ALA A 259 29.28 -2.19 -15.04
C ALA A 259 28.16 -2.64 -14.12
N VAL A 260 27.72 -1.73 -13.26
CA VAL A 260 26.69 -2.04 -12.28
C VAL A 260 25.54 -1.05 -12.34
N VAL A 261 24.31 -1.56 -12.29
CA VAL A 261 23.11 -0.74 -12.13
C VAL A 261 22.52 -1.11 -10.77
N LEU A 262 22.38 -0.13 -9.90
CA LEU A 262 22.01 -0.38 -8.52
C LEU A 262 20.72 0.35 -8.15
N GLN A 263 19.65 -0.40 -7.90
CA GLN A 263 18.39 0.17 -7.46
C GLN A 263 18.28 0.17 -5.95
N LEU A 264 17.97 1.35 -5.39
CA LEU A 264 17.99 1.54 -3.95
C LEU A 264 16.65 2.00 -3.38
N GLY A 265 15.57 1.38 -3.83
CA GLY A 265 14.23 1.70 -3.31
C GLY A 265 14.23 1.73 -1.80
N ALA A 266 13.72 2.84 -1.22
CA ALA A 266 13.77 3.08 0.23
C ALA A 266 12.55 2.55 0.98
N ASP A 267 11.81 1.61 0.38
CA ASP A 267 10.67 1.04 1.08
C ASP A 267 11.03 -0.12 2.00
N THR A 268 12.32 -0.34 2.17
CA THR A 268 12.81 -1.28 3.18
C THR A 268 13.03 -0.56 4.50
N ILE A 269 13.00 0.77 4.47
CA ILE A 269 13.42 1.58 5.62
C ILE A 269 12.32 1.66 6.68
N ALA A 270 12.68 1.47 7.95
CA ALA A 270 11.73 1.58 9.07
C ALA A 270 10.85 2.83 8.96
N GLY A 271 9.55 2.67 9.18
CA GLY A 271 8.63 3.79 9.13
C GLY A 271 7.94 3.89 7.76
N ASP A 272 8.32 3.02 6.82
CA ASP A 272 7.65 3.03 5.52
C ASP A 272 6.29 2.40 5.71
N PRO A 273 5.29 2.92 4.98
CA PRO A 273 3.93 2.35 5.04
C PRO A 273 3.90 0.83 4.77
N MET A 274 4.81 0.32 3.93
CA MET A 274 4.82 -1.12 3.63
C MET A 274 5.04 -1.97 4.88
N CYS A 275 5.68 -1.35 5.87
CA CYS A 275 5.86 -1.90 7.21
C CYS A 275 6.34 -3.35 7.22
N SER A 276 7.36 -3.63 6.41
CA SER A 276 7.86 -4.99 6.24
C SER A 276 9.29 -5.13 6.79
N PHE A 277 10.27 -4.61 6.04
CA PHE A 277 11.64 -4.59 6.55
C PHE A 277 11.80 -3.49 7.63
N ASN A 278 12.94 -3.50 8.31
CA ASN A 278 13.19 -2.58 9.43
C ASN A 278 14.63 -2.08 9.32
N MET A 279 15.00 -1.68 8.09
CA MET A 279 16.33 -1.18 7.77
C MET A 279 16.49 0.32 8.10
N THR A 280 17.73 0.79 8.18
CA THR A 280 18.01 2.21 8.22
C THR A 280 18.92 2.51 7.05
N PRO A 281 19.02 3.79 6.66
CA PRO A 281 19.90 4.08 5.52
C PRO A 281 21.36 3.67 5.75
N VAL A 282 21.79 3.54 7.00
CA VAL A 282 23.18 3.16 7.28
C VAL A 282 23.50 1.75 6.75
N GLY A 283 22.56 0.82 6.96
CA GLY A 283 22.74 -0.54 6.50
C GLY A 283 22.78 -0.62 4.98
N ILE A 284 21.89 0.13 4.32
CA ILE A 284 21.86 0.15 2.86
C ILE A 284 23.16 0.80 2.40
N GLY A 285 23.57 1.83 3.14
CA GLY A 285 24.83 2.50 2.86
C GLY A 285 26.04 1.58 2.85
N LYS A 286 26.05 0.61 3.76
CA LYS A 286 27.15 -0.36 3.79
C LYS A 286 27.16 -1.21 2.52
N CYS A 287 25.97 -1.62 2.06
CA CYS A 287 25.89 -2.40 0.83
C CYS A 287 26.38 -1.56 -0.34
N LEU A 288 25.99 -0.29 -0.33
CA LEU A 288 26.41 0.63 -1.39
C LEU A 288 27.93 0.81 -1.37
N LYS A 289 28.49 1.02 -0.17
CA LYS A 289 29.95 1.09 0.01
C LYS A 289 30.63 -0.12 -0.61
N TYR A 290 30.06 -1.29 -0.39
CA TYR A 290 30.71 -2.53 -0.85
C TYR A 290 30.73 -2.59 -2.37
N ILE A 291 29.66 -2.10 -3.00
CA ILE A 291 29.61 -2.06 -4.46
C ILE A 291 30.54 -0.97 -5.01
N LEU A 292 30.60 0.18 -4.34
CA LEU A 292 31.46 1.28 -4.79
C LEU A 292 32.94 0.90 -4.85
N GLN A 293 33.37 0.05 -3.92
CA GLN A 293 34.77 -0.38 -3.85
C GLN A 293 35.25 -1.20 -5.04
N TRP A 294 34.34 -1.78 -5.81
CA TRP A 294 34.70 -2.45 -7.05
C TRP A 294 35.24 -1.46 -8.08
N GLN A 295 34.95 -0.18 -7.86
CA GLN A 295 35.39 0.87 -8.78
C GLN A 295 34.97 0.63 -10.23
N LEU A 296 33.71 0.22 -10.42
CA LEU A 296 33.17 0.05 -11.77
C LEU A 296 32.25 1.20 -12.10
N ALA A 297 31.96 1.38 -13.38
CA ALA A 297 30.88 2.29 -13.78
C ALA A 297 29.61 1.84 -13.06
N THR A 298 28.98 2.77 -12.34
CA THR A 298 27.85 2.43 -11.51
C THR A 298 26.71 3.43 -11.68
N LEU A 299 25.53 2.90 -12.01
CA LEU A 299 24.35 3.72 -12.25
C LEU A 299 23.45 3.55 -11.05
N ILE A 300 23.23 4.64 -10.31
CA ILE A 300 22.43 4.62 -9.08
C ILE A 300 20.99 5.09 -9.33
N LEU A 301 20.03 4.24 -8.97
CA LEU A 301 18.61 4.54 -9.14
C LEU A 301 17.90 4.49 -7.77
N GLY A 302 16.78 5.21 -7.67
CA GLY A 302 15.89 5.09 -6.53
C GLY A 302 14.88 3.97 -6.77
N GLY A 303 13.64 4.22 -6.38
CA GLY A 303 12.60 3.19 -6.52
C GLY A 303 11.44 3.51 -5.60
N GLY A 304 10.96 2.50 -4.89
CA GLY A 304 9.89 2.68 -3.93
C GLY A 304 10.38 3.52 -2.76
N GLY A 305 9.45 3.84 -1.86
CA GLY A 305 9.75 4.69 -0.72
C GLY A 305 8.54 5.57 -0.53
N TYR A 306 7.72 5.24 0.47
CA TYR A 306 6.40 5.83 0.60
C TYR A 306 6.23 6.70 1.84
N ASN A 307 7.25 6.69 2.69
CA ASN A 307 7.41 7.70 3.74
C ASN A 307 8.31 8.78 3.15
N LEU A 308 7.75 9.93 2.82
CA LEU A 308 8.48 10.91 2.00
C LEU A 308 9.74 11.43 2.67
N ALA A 309 9.62 11.82 3.92
CA ALA A 309 10.74 12.39 4.67
C ALA A 309 11.84 11.34 4.81
N ASN A 310 11.45 10.12 5.14
CA ASN A 310 12.40 9.03 5.36
C ASN A 310 13.11 8.67 4.06
N THR A 311 12.37 8.72 2.95
CA THR A 311 12.98 8.41 1.67
C THR A 311 13.99 9.49 1.32
N ALA A 312 13.62 10.75 1.55
CA ALA A 312 14.57 11.83 1.29
C ALA A 312 15.79 11.67 2.20
N ARG A 313 15.54 11.41 3.49
CA ARG A 313 16.61 11.08 4.45
C ARG A 313 17.55 10.02 3.90
N CYS A 314 16.95 8.95 3.40
CA CYS A 314 17.74 7.81 2.93
C CYS A 314 18.60 8.15 1.72
N TRP A 315 18.00 8.73 0.68
CA TRP A 315 18.76 9.01 -0.53
C TRP A 315 19.77 10.14 -0.34
N THR A 316 19.46 11.06 0.58
CA THR A 316 20.41 12.11 0.91
C THR A 316 21.62 11.51 1.61
N TYR A 317 21.39 10.69 2.63
CA TYR A 317 22.45 9.98 3.33
C TYR A 317 23.33 9.17 2.37
N LEU A 318 22.69 8.45 1.45
CA LEU A 318 23.41 7.63 0.48
C LEU A 318 24.24 8.47 -0.49
N THR A 319 23.72 9.64 -0.86
CA THR A 319 24.49 10.58 -1.68
C THR A 319 25.76 10.98 -0.91
N GLY A 320 25.60 11.23 0.39
CA GLY A 320 26.74 11.49 1.26
C GLY A 320 27.74 10.35 1.22
N VAL A 321 27.24 9.11 1.30
CA VAL A 321 28.10 7.93 1.22
C VAL A 321 28.89 7.92 -0.10
N ILE A 322 28.20 8.22 -1.19
CA ILE A 322 28.86 8.26 -2.50
C ILE A 322 29.95 9.32 -2.56
N LEU A 323 29.70 10.46 -1.92
CA LEU A 323 30.64 11.57 -1.90
C LEU A 323 31.71 11.46 -0.79
N GLY A 324 31.55 10.49 0.11
CA GLY A 324 32.50 10.26 1.18
C GLY A 324 32.38 11.28 2.30
N LYS A 325 31.20 11.87 2.41
CA LYS A 325 30.97 12.93 3.38
C LYS A 325 30.19 12.44 4.59
N THR A 326 30.45 13.05 5.74
CA THR A 326 29.62 12.83 6.92
C THR A 326 28.67 14.01 7.03
N LEU A 327 27.36 13.74 7.13
CA LEU A 327 26.36 14.81 7.17
C LEU A 327 26.00 15.14 8.61
N SER A 328 25.66 16.38 8.88
CA SER A 328 25.18 16.74 10.20
C SER A 328 23.88 16.01 10.50
N SER A 329 23.68 15.63 11.76
CA SER A 329 22.49 14.94 12.20
C SER A 329 21.24 15.80 12.15
N GLU A 330 21.42 17.10 12.29
CA GLU A 330 20.27 18.01 12.24
C GLU A 330 19.86 18.24 10.79
N ILE A 331 18.56 18.10 10.51
CA ILE A 331 18.02 18.44 9.20
C ILE A 331 18.14 19.96 9.04
N PRO A 332 18.87 20.41 8.00
CA PRO A 332 19.06 21.84 7.76
C PRO A 332 17.74 22.55 7.52
N ASP A 333 17.67 23.82 7.90
CA ASP A 333 16.47 24.58 7.59
C ASP A 333 16.34 24.64 6.06
N HIS A 334 15.18 24.23 5.55
CA HIS A 334 14.90 24.29 4.11
C HIS A 334 13.41 24.22 3.87
N GLU A 335 13.01 24.17 2.60
CA GLU A 335 11.57 24.23 2.25
C GLU A 335 10.70 23.25 3.04
N PHE A 336 11.18 22.03 3.22
CA PHE A 336 10.33 20.98 3.80
C PHE A 336 10.72 20.60 5.21
N PHE A 337 11.46 21.47 5.89
CA PHE A 337 11.90 21.18 7.25
C PHE A 337 10.76 20.66 8.13
N THR A 338 9.58 21.25 8.01
CA THR A 338 8.45 20.83 8.86
C THR A 338 7.98 19.38 8.68
N ALA A 339 8.44 18.71 7.62
CA ALA A 339 8.03 17.33 7.35
C ALA A 339 8.88 16.32 8.13
N TYR A 340 9.91 16.81 8.82
CA TYR A 340 10.90 15.92 9.41
C TYR A 340 10.66 15.60 10.88
N GLY A 341 9.43 15.79 11.33
CA GLY A 341 9.07 15.45 12.70
C GLY A 341 9.14 13.96 12.98
N PRO A 342 9.15 13.58 14.27
CA PRO A 342 9.08 14.54 15.38
C PRO A 342 10.47 14.92 15.89
N ASP A 343 11.52 14.30 15.34
CA ASP A 343 12.88 14.54 15.86
C ASP A 343 13.71 15.49 15.00
N TYR A 344 13.33 15.66 13.74
CA TYR A 344 14.02 16.58 12.83
C TYR A 344 15.51 16.28 12.71
N VAL A 345 15.86 15.01 12.84
CA VAL A 345 17.22 14.56 12.59
C VAL A 345 17.27 13.65 11.36
N LEU A 346 18.49 13.40 10.87
CA LEU A 346 18.69 12.59 9.66
C LEU A 346 18.61 11.10 9.94
N GLU A 347 19.02 10.70 11.15
CA GLU A 347 19.04 9.28 11.50
C GLU A 347 17.63 8.71 11.62
N ILE A 348 17.49 7.44 11.31
CA ILE A 348 16.20 6.77 11.44
C ILE A 348 16.32 5.66 12.46
N THR A 349 15.39 5.65 13.41
CA THR A 349 15.34 4.62 14.44
C THR A 349 14.52 3.41 13.99
N PRO A 350 15.09 2.19 14.10
CA PRO A 350 14.32 1.00 13.73
C PRO A 350 13.08 0.83 14.60
N SER A 351 12.01 0.25 14.04
CA SER A 351 10.76 0.03 14.77
C SER A 351 10.94 -1.13 15.74
N CYS A 352 10.25 -1.08 16.89
CA CYS A 352 10.33 -2.16 17.85
CA CYS A 352 10.34 -2.16 17.84
C CYS A 352 9.41 -3.31 17.47
N ARG A 353 9.82 -4.09 16.48
CA ARG A 353 9.08 -5.30 16.12
C ARG A 353 10.09 -6.37 15.72
N PRO A 354 9.69 -7.65 15.77
CA PRO A 354 10.70 -8.70 15.64
C PRO A 354 11.21 -8.96 14.24
N ASP A 355 12.43 -9.49 14.18
CA ASP A 355 13.01 -9.99 12.95
C ASP A 355 12.50 -11.41 12.77
N ARG A 356 11.74 -11.66 11.70
CA ARG A 356 11.11 -12.96 11.44
C ARG A 356 12.02 -13.90 10.68
N ASN A 357 13.24 -13.48 10.41
CA ASN A 357 14.15 -14.33 9.64
C ASN A 357 14.87 -15.35 10.50
N GLU A 358 14.67 -16.62 10.19
CA GLU A 358 15.39 -17.69 10.88
C GLU A 358 16.80 -17.82 10.31
N PRO A 359 17.81 -17.67 11.18
CA PRO A 359 19.21 -17.66 10.75
C PRO A 359 19.56 -18.87 9.88
N HIS A 360 19.03 -20.05 10.22
CA HIS A 360 19.32 -21.25 9.43
C HIS A 360 18.63 -21.27 8.08
N ARG A 361 17.47 -20.65 7.99
CA ARG A 361 16.82 -20.49 6.67
C ARG A 361 17.64 -19.56 5.78
N ILE A 362 18.12 -18.46 6.35
CA ILE A 362 18.95 -17.52 5.60
C ILE A 362 20.21 -18.23 5.10
N GLN A 363 20.82 -19.01 5.97
CA GLN A 363 22.05 -19.71 5.59
C GLN A 363 21.81 -20.73 4.48
N GLN A 364 20.66 -21.39 4.52
CA GLN A 364 20.34 -22.37 3.48
C GLN A 364 20.17 -21.67 2.13
N ILE A 365 19.56 -20.49 2.17
CA ILE A 365 19.37 -19.69 0.96
C ILE A 365 20.73 -19.29 0.39
N LEU A 366 21.62 -18.80 1.26
CA LEU A 366 22.96 -18.43 0.84
C LEU A 366 23.71 -19.62 0.24
N ASN A 367 23.55 -20.81 0.83
CA ASN A 367 24.22 -22.00 0.31
C ASN A 367 23.71 -22.37 -1.08
N TYR A 368 22.39 -22.30 -1.24
CA TYR A 368 21.73 -22.57 -2.52
C TYR A 368 22.28 -21.61 -3.57
N ILE A 369 22.41 -20.34 -3.22
CA ILE A 369 22.95 -19.34 -4.14
C ILE A 369 24.41 -19.61 -4.48
N LYS A 370 25.21 -19.95 -3.46
CA LYS A 370 26.61 -20.27 -3.69
C LYS A 370 26.73 -21.43 -4.69
N GLY A 371 25.86 -22.43 -4.50
CA GLY A 371 25.78 -23.56 -5.41
C GLY A 371 25.41 -23.16 -6.83
N ASN A 372 24.42 -22.28 -6.97
CA ASN A 372 24.03 -21.79 -8.29
C ASN A 372 25.16 -21.04 -8.99
N LEU A 373 25.90 -20.24 -8.23
CA LEU A 373 26.92 -19.37 -8.82
C LEU A 373 28.15 -20.13 -9.36
N LYS A 374 28.32 -21.38 -8.92
CA LYS A 374 29.41 -22.20 -9.44
C LYS A 374 29.22 -22.55 -10.90
N HIS A 375 27.97 -22.63 -11.33
CA HIS A 375 27.67 -22.86 -12.73
C HIS A 375 28.02 -21.66 -13.61
N VAL A 376 28.14 -20.47 -13.01
CA VAL A 376 28.42 -19.27 -13.77
C VAL A 376 29.87 -19.32 -14.28
N VAL A 377 30.01 -19.39 -15.60
CA VAL A 377 31.32 -19.57 -16.25
C VAL A 377 31.50 -18.69 -17.48
N LEU B 14 -38.11 -6.76 8.00
CA LEU B 14 -37.73 -8.13 7.67
C LEU B 14 -36.84 -8.25 6.42
N VAL B 15 -37.08 -7.38 5.44
CA VAL B 15 -36.27 -7.35 4.22
C VAL B 15 -35.18 -6.28 4.31
N PRO B 16 -33.91 -6.67 4.13
CA PRO B 16 -32.83 -5.70 4.36
C PRO B 16 -32.82 -4.58 3.31
N VAL B 17 -32.39 -3.40 3.73
CA VAL B 17 -32.27 -2.26 2.82
C VAL B 17 -30.89 -2.26 2.18
N TYR B 18 -30.87 -2.05 0.86
CA TYR B 18 -29.64 -1.94 0.11
C TYR B 18 -29.53 -0.54 -0.43
N ILE B 19 -28.59 0.23 0.09
CA ILE B 19 -28.42 1.60 -0.39
C ILE B 19 -27.70 1.59 -1.74
N TYR B 20 -28.41 2.01 -2.79
CA TYR B 20 -27.86 1.97 -4.13
C TYR B 20 -28.59 2.92 -5.07
N SER B 21 -27.83 3.59 -5.92
CA SER B 21 -28.36 4.19 -7.14
C SER B 21 -27.19 4.23 -8.13
N PRO B 22 -27.50 4.28 -9.43
CA PRO B 22 -26.44 4.38 -10.44
C PRO B 22 -25.58 5.61 -10.23
N GLU B 23 -26.20 6.70 -9.79
CA GLU B 23 -25.48 7.94 -9.57
C GLU B 23 -24.51 7.80 -8.39
N TYR B 24 -24.99 7.17 -7.32
CA TYR B 24 -24.17 6.96 -6.14
C TYR B 24 -22.97 6.07 -6.44
N VAL B 25 -23.20 4.93 -7.07
CA VAL B 25 -22.13 4.02 -7.47
C VAL B 25 -21.12 4.75 -8.35
N SER B 26 -21.63 5.50 -9.32
CA SER B 26 -20.78 6.31 -10.18
C SER B 26 -19.93 7.34 -9.42
N MET B 27 -20.54 8.05 -8.48
CA MET B 27 -19.81 8.98 -7.64
C MET B 27 -18.73 8.24 -6.80
N CYS B 28 -19.07 7.06 -6.27
CA CYS B 28 -18.09 6.29 -5.48
C CYS B 28 -16.99 5.69 -6.36
N ASP B 29 -17.35 5.31 -7.58
CA ASP B 29 -16.39 4.74 -8.53
C ASP B 29 -15.29 5.74 -8.87
N SER B 30 -15.58 7.02 -8.72
CA SER B 30 -14.63 8.06 -9.10
CA SER B 30 -14.62 8.06 -9.11
C SER B 30 -13.46 8.23 -8.12
N LEU B 31 -13.43 7.38 -7.09
CA LEU B 31 -12.34 7.41 -6.13
C LEU B 31 -11.02 6.98 -6.74
N ALA B 32 -10.02 7.87 -6.67
CA ALA B 32 -8.74 7.62 -7.28
C ALA B 32 -8.12 6.31 -6.79
N LYS B 33 -8.22 6.05 -5.49
CA LYS B 33 -7.50 4.94 -4.88
C LYS B 33 -8.16 3.56 -5.02
N ILE B 34 -9.47 3.55 -5.25
CA ILE B 34 -10.22 2.31 -5.37
C ILE B 34 -11.17 2.38 -6.57
N PRO B 35 -10.59 2.63 -7.77
CA PRO B 35 -11.41 2.96 -8.94
C PRO B 35 -12.30 1.81 -9.36
N LYS B 36 -13.57 2.11 -9.59
CA LYS B 36 -14.56 1.13 -10.01
C LYS B 36 -14.86 0.05 -8.97
N ARG B 37 -14.34 0.21 -7.74
CA ARG B 37 -14.63 -0.80 -6.72
C ARG B 37 -16.12 -0.86 -6.42
N ALA B 38 -16.78 0.31 -6.31
CA ALA B 38 -18.21 0.31 -6.04
C ALA B 38 -19.02 -0.42 -7.14
N SER B 39 -18.68 -0.18 -8.41
CA SER B 39 -19.30 -0.93 -9.52
C SER B 39 -19.05 -2.43 -9.43
N MET B 40 -17.81 -2.82 -9.21
CA MET B 40 -17.48 -4.24 -9.09
C MET B 40 -18.31 -4.92 -8.01
N VAL B 41 -18.43 -4.26 -6.86
CA VAL B 41 -19.22 -4.83 -5.76
C VAL B 41 -20.70 -4.95 -6.15
N HIS B 42 -21.28 -3.86 -6.63
CA HIS B 42 -22.70 -3.89 -7.02
C HIS B 42 -22.94 -4.85 -8.19
N SER B 43 -22.01 -4.86 -9.12
CA SER B 43 -22.11 -5.70 -10.32
C SER B 43 -22.17 -7.17 -9.94
N LEU B 44 -21.31 -7.58 -9.01
CA LEU B 44 -21.30 -8.98 -8.59
C LEU B 44 -22.56 -9.32 -7.80
N ILE B 45 -22.95 -8.44 -6.87
CA ILE B 45 -24.17 -8.64 -6.10
C ILE B 45 -25.39 -8.82 -7.04
N GLU B 46 -25.45 -7.97 -8.05
CA GLU B 46 -26.51 -8.03 -9.03
C GLU B 46 -26.43 -9.32 -9.88
N ALA B 47 -25.21 -9.69 -10.25
CA ALA B 47 -25.02 -10.93 -11.02
C ALA B 47 -25.57 -12.12 -10.24
N TYR B 48 -25.42 -12.09 -8.91
CA TYR B 48 -26.00 -13.14 -8.07
C TYR B 48 -27.51 -12.89 -7.81
N ALA B 49 -28.03 -11.80 -8.38
CA ALA B 49 -29.43 -11.38 -8.22
C ALA B 49 -29.86 -11.17 -6.76
N LEU B 50 -28.93 -10.78 -5.90
CA LEU B 50 -29.25 -10.60 -4.49
C LEU B 50 -30.06 -9.32 -4.27
N HIS B 51 -29.91 -8.35 -5.17
CA HIS B 51 -30.63 -7.09 -5.05
C HIS B 51 -32.15 -7.30 -5.11
N LYS B 52 -32.57 -8.29 -5.89
CA LYS B 52 -33.98 -8.67 -6.00
C LYS B 52 -34.57 -9.21 -4.68
N GLN B 53 -33.72 -9.48 -3.69
CA GLN B 53 -34.21 -9.91 -2.38
C GLN B 53 -34.05 -8.83 -1.32
N MET B 54 -33.76 -7.61 -1.76
CA MET B 54 -33.55 -6.51 -0.82
C MET B 54 -34.36 -5.31 -1.26
N ARG B 55 -34.67 -4.43 -0.32
CA ARG B 55 -35.32 -3.18 -0.68
C ARG B 55 -34.27 -2.13 -1.02
N ILE B 56 -34.21 -1.77 -2.29
CA ILE B 56 -33.26 -0.80 -2.80
C ILE B 56 -33.73 0.59 -2.44
N VAL B 57 -32.85 1.40 -1.86
CA VAL B 57 -33.17 2.77 -1.50
C VAL B 57 -32.11 3.72 -2.05
N LYS B 58 -32.52 4.71 -2.86
CA LYS B 58 -31.62 5.79 -3.29
C LYS B 58 -31.09 6.51 -2.06
N PRO B 59 -29.77 6.74 -2.00
CA PRO B 59 -29.28 7.57 -0.90
C PRO B 59 -29.54 9.03 -1.21
N LYS B 60 -29.86 9.83 -0.20
CA LYS B 60 -29.88 11.26 -0.40
C LYS B 60 -28.46 11.76 -0.22
N VAL B 61 -28.16 12.94 -0.78
CA VAL B 61 -26.86 13.56 -0.59
C VAL B 61 -26.92 14.32 0.74
N ALA B 62 -25.86 14.24 1.55
CA ALA B 62 -25.87 14.94 2.84
C ALA B 62 -25.72 16.46 2.69
N SER B 63 -26.50 17.20 3.47
CA SER B 63 -26.39 18.65 3.50
C SER B 63 -25.19 19.09 4.32
N MET B 64 -24.86 20.37 4.25
CA MET B 64 -23.78 20.93 5.04
C MET B 64 -24.05 20.69 6.53
N GLU B 65 -25.30 20.89 6.94
CA GLU B 65 -25.69 20.74 8.34
C GLU B 65 -25.55 19.29 8.82
N GLU B 66 -25.88 18.34 7.97
CA GLU B 66 -25.78 16.93 8.34
C GLU B 66 -24.33 16.52 8.55
N MET B 67 -23.45 16.99 7.66
CA MET B 67 -22.02 16.66 7.74
C MET B 67 -21.40 17.36 8.92
N ALA B 68 -21.95 18.52 9.26
CA ALA B 68 -21.45 19.30 10.39
C ALA B 68 -21.88 18.74 11.76
N THR B 69 -22.70 17.69 11.78
CA THR B 69 -22.98 17.02 13.05
C THR B 69 -21.68 16.44 13.62
N PHE B 70 -20.70 16.21 12.76
CA PHE B 70 -19.39 15.76 13.23
C PHE B 70 -18.26 16.68 12.78
N HIS B 71 -18.18 16.96 11.49
CA HIS B 71 -17.07 17.74 10.97
C HIS B 71 -17.19 19.24 11.22
N THR B 72 -16.06 19.90 11.46
CA THR B 72 -16.03 21.34 11.68
C THR B 72 -16.37 22.10 10.40
N ASP B 73 -16.96 23.29 10.57
CA ASP B 73 -17.32 24.16 9.44
C ASP B 73 -16.09 24.51 8.62
N ALA B 74 -15.01 24.89 9.31
CA ALA B 74 -13.75 25.21 8.64
C ALA B 74 -13.28 24.07 7.74
N TYR B 75 -13.30 22.83 8.25
CA TYR B 75 -12.91 21.68 7.42
C TYR B 75 -13.83 21.48 6.22
N LEU B 76 -15.14 21.51 6.45
CA LEU B 76 -16.13 21.30 5.39
C LEU B 76 -16.12 22.38 4.29
N GLN B 77 -15.90 23.63 4.70
CA GLN B 77 -15.76 24.75 3.77
C GLN B 77 -14.51 24.58 2.90
N HIS B 78 -13.43 24.11 3.52
CA HIS B 78 -12.20 23.86 2.79
C HIS B 78 -12.36 22.73 1.78
N LEU B 79 -13.09 21.68 2.16
CA LEU B 79 -13.46 20.63 1.20
C LEU B 79 -14.25 21.22 0.04
N GLN B 80 -15.26 22.04 0.37
CA GLN B 80 -16.13 22.65 -0.64
C GLN B 80 -15.33 23.58 -1.55
N LYS B 81 -14.24 24.14 -1.02
CA LYS B 81 -13.39 25.04 -1.79
C LYS B 81 -12.36 24.29 -2.62
N VAL B 82 -11.60 23.41 -2.00
CA VAL B 82 -10.56 22.64 -2.68
C VAL B 82 -11.17 21.73 -3.75
N SER B 83 -12.37 21.24 -3.47
CA SER B 83 -13.18 20.54 -4.46
C SER B 83 -13.60 21.53 -5.53
N GLN B 84 -13.79 22.80 -5.14
CA GLN B 84 -14.21 23.91 -6.01
C GLN B 84 -15.63 23.77 -6.56
N TYR B 96 -5.42 19.82 7.04
CA TYR B 96 -6.69 19.12 6.84
C TYR B 96 -6.49 17.72 6.23
N GLY B 97 -5.24 17.26 6.15
CA GLY B 97 -4.94 15.89 5.74
C GLY B 97 -5.11 15.54 4.28
N LEU B 98 -5.25 16.54 3.42
CA LEU B 98 -5.41 16.29 1.99
C LEU B 98 -4.05 16.27 1.29
N GLY B 99 -3.96 15.59 0.16
CA GLY B 99 -2.77 15.69 -0.68
C GLY B 99 -2.15 14.38 -1.13
N TYR B 100 -2.17 13.38 -0.25
CA TYR B 100 -1.50 12.11 -0.50
C TYR B 100 -2.53 10.99 -0.72
N ASP B 101 -2.87 10.29 0.37
CA ASP B 101 -3.88 9.24 0.34
C ASP B 101 -5.24 9.84 0.04
N CYS B 102 -5.38 11.13 0.36
CA CYS B 102 -6.61 11.87 0.12
C CYS B 102 -6.38 13.03 -0.85
N PRO B 103 -6.28 12.71 -2.16
CA PRO B 103 -5.97 13.75 -3.12
C PRO B 103 -6.97 14.90 -3.03
N ALA B 104 -6.45 16.10 -3.12
CA ALA B 104 -7.26 17.30 -3.15
C ALA B 104 -7.74 17.60 -4.59
N THR B 105 -8.85 16.98 -5.02
CA THR B 105 -9.38 17.16 -6.37
C THR B 105 -10.83 17.65 -6.38
N GLU B 106 -11.42 17.78 -7.57
CA GLU B 106 -12.71 18.44 -7.75
C GLU B 106 -13.92 17.70 -7.18
N GLY B 107 -13.88 16.38 -7.20
CA GLY B 107 -15.06 15.62 -6.83
C GLY B 107 -15.22 15.37 -5.34
N ILE B 108 -14.22 15.77 -4.55
CA ILE B 108 -14.15 15.29 -3.17
C ILE B 108 -15.33 15.73 -2.30
N PHE B 109 -15.81 16.96 -2.48
CA PHE B 109 -16.95 17.41 -1.67
C PHE B 109 -18.24 16.67 -2.04
N ASP B 110 -18.49 16.50 -3.34
CA ASP B 110 -19.64 15.72 -3.80
C ASP B 110 -19.50 14.26 -3.37
N TYR B 111 -18.30 13.74 -3.49
CA TYR B 111 -18.03 12.37 -3.03
C TYR B 111 -18.32 12.20 -1.53
N ALA B 112 -17.71 13.05 -0.70
CA ALA B 112 -17.93 12.99 0.75
C ALA B 112 -19.40 13.14 1.10
N ALA B 113 -20.07 14.08 0.46
CA ALA B 113 -21.49 14.30 0.74
C ALA B 113 -22.34 13.10 0.30
N ALA B 114 -21.94 12.44 -0.79
CA ALA B 114 -22.64 11.26 -1.25
C ALA B 114 -22.49 10.11 -0.26
N ILE B 115 -21.27 9.89 0.21
CA ILE B 115 -21.00 8.81 1.17
C ILE B 115 -21.68 9.08 2.52
N GLY B 116 -21.53 10.31 3.01
CA GLY B 116 -22.15 10.68 4.26
C GLY B 116 -23.66 10.56 4.16
N GLY B 117 -24.21 11.05 3.05
CA GLY B 117 -25.64 10.97 2.82
C GLY B 117 -26.15 9.55 2.76
N ALA B 118 -25.39 8.66 2.12
CA ALA B 118 -25.82 7.26 2.03
C ALA B 118 -25.85 6.58 3.38
N THR B 119 -24.85 6.83 4.21
CA THR B 119 -24.83 6.18 5.52
C THR B 119 -25.93 6.78 6.42
N ILE B 120 -26.16 8.08 6.26
CA ILE B 120 -27.24 8.71 7.03
C ILE B 120 -28.61 8.17 6.60
N THR B 121 -28.80 8.01 5.29
CA THR B 121 -30.04 7.45 4.76
C THR B 121 -30.30 6.06 5.34
N ALA B 122 -29.25 5.23 5.37
CA ALA B 122 -29.35 3.90 5.95
C ALA B 122 -29.75 3.93 7.44
N ALA B 123 -29.13 4.82 8.21
CA ALA B 123 -29.47 4.94 9.62
C ALA B 123 -30.92 5.36 9.80
N GLN B 124 -31.36 6.28 8.95
CA GLN B 124 -32.72 6.80 9.02
C GLN B 124 -33.74 5.70 8.66
N CYS B 125 -33.39 4.83 7.71
CA CYS B 125 -34.23 3.67 7.42
C CYS B 125 -34.37 2.78 8.65
N LEU B 126 -33.27 2.63 9.39
CA LEU B 126 -33.33 1.84 10.60
C LEU B 126 -34.19 2.54 11.67
N ILE B 127 -34.04 3.87 11.79
CA ILE B 127 -34.85 4.63 12.74
C ILE B 127 -36.33 4.47 12.41
N ASP B 128 -36.65 4.56 11.12
CA ASP B 128 -38.03 4.53 10.65
C ASP B 128 -38.61 3.12 10.60
N GLY B 129 -37.85 2.13 11.08
CA GLY B 129 -38.33 0.75 11.15
C GLY B 129 -38.62 0.10 9.81
N MET B 130 -38.14 0.71 8.73
CA MET B 130 -38.32 0.16 7.39
C MET B 130 -37.66 -1.20 7.28
N CYS B 131 -36.54 -1.36 7.98
CA CYS B 131 -35.78 -2.60 7.90
C CYS B 131 -35.13 -2.89 9.24
N LYS B 132 -34.50 -4.05 9.34
CA LYS B 132 -33.72 -4.41 10.52
C LYS B 132 -32.22 -4.34 10.20
N VAL B 133 -31.89 -4.45 8.91
CA VAL B 133 -30.51 -4.37 8.43
C VAL B 133 -30.46 -3.44 7.23
N ALA B 134 -29.53 -2.48 7.26
CA ALA B 134 -29.34 -1.51 6.18
C ALA B 134 -27.87 -1.53 5.76
N ILE B 135 -27.64 -1.63 4.45
CA ILE B 135 -26.29 -1.84 3.91
C ILE B 135 -25.80 -0.70 3.02
N ASN B 136 -24.64 -0.16 3.34
CA ASN B 136 -23.95 0.78 2.48
C ASN B 136 -22.50 0.31 2.29
N TRP B 137 -22.27 -0.53 1.28
CA TRP B 137 -20.93 -1.12 1.09
C TRP B 137 -19.88 -0.07 0.73
N SER B 138 -20.34 1.08 0.24
CA SER B 138 -19.43 2.16 -0.15
C SER B 138 -19.08 3.10 1.01
N GLY B 139 -19.63 2.82 2.19
CA GLY B 139 -19.27 3.60 3.36
C GLY B 139 -18.29 2.89 4.28
N GLY B 140 -18.06 3.45 5.47
CA GLY B 140 -17.16 2.83 6.45
C GLY B 140 -15.81 3.49 6.53
N TRP B 141 -15.76 4.78 6.22
CA TRP B 141 -14.48 5.48 6.17
C TRP B 141 -14.06 6.00 7.54
N HIS B 142 -13.53 5.08 8.32
CA HIS B 142 -13.45 5.21 9.77
C HIS B 142 -12.28 6.05 10.32
N HIS B 143 -11.35 6.49 9.47
CA HIS B 143 -10.18 7.24 9.97
C HIS B 143 -10.40 8.77 10.05
N ALA B 144 -11.36 9.28 9.30
CA ALA B 144 -11.54 10.73 9.21
C ALA B 144 -11.82 11.33 10.60
N LYS B 145 -11.22 12.49 10.86
CA LYS B 145 -11.41 13.21 12.12
C LYS B 145 -12.36 14.39 11.90
N LYS B 146 -12.73 15.09 12.97
CA LYS B 146 -13.71 16.15 12.83
C LYS B 146 -13.21 17.24 11.89
N ASP B 147 -11.89 17.45 11.89
CA ASP B 147 -11.28 18.56 11.15
C ASP B 147 -10.13 18.11 10.24
N GLU B 148 -10.09 16.84 9.85
CA GLU B 148 -8.94 16.36 9.07
C GLU B 148 -9.23 15.05 8.37
N ALA B 149 -8.96 14.98 7.06
CA ALA B 149 -9.00 13.71 6.36
C ALA B 149 -7.85 12.84 6.88
N SER B 150 -7.95 11.54 6.68
CA SER B 150 -6.94 10.61 7.18
C SER B 150 -7.15 9.25 6.55
N GLY B 151 -6.05 8.62 6.14
CA GLY B 151 -6.06 7.27 5.59
C GLY B 151 -7.15 6.95 4.59
N PHE B 152 -7.19 7.72 3.50
CA PHE B 152 -8.18 7.59 2.42
C PHE B 152 -9.56 8.10 2.77
N CYS B 153 -9.76 8.56 4.01
CA CYS B 153 -11.09 8.99 4.45
C CYS B 153 -11.22 10.50 4.45
N TYR B 154 -12.11 11.03 3.60
CA TYR B 154 -12.32 12.49 3.55
C TYR B 154 -13.34 12.93 4.60
N LEU B 155 -14.25 12.02 4.92
CA LEU B 155 -15.37 12.30 5.80
C LEU B 155 -15.69 11.02 6.52
N ASN B 156 -16.05 11.11 7.80
CA ASN B 156 -16.31 9.91 8.58
C ASN B 156 -17.78 9.58 8.58
N ASP B 157 -18.20 8.76 7.64
CA ASP B 157 -19.62 8.48 7.46
C ASP B 157 -20.12 7.53 8.54
N ALA B 158 -19.21 6.74 9.12
CA ALA B 158 -19.60 5.86 10.21
C ALA B 158 -20.02 6.71 11.41
N VAL B 159 -19.21 7.69 11.77
CA VAL B 159 -19.60 8.61 12.84
C VAL B 159 -20.95 9.28 12.54
N LEU B 160 -21.12 9.74 11.31
CA LEU B 160 -22.38 10.38 10.91
C LEU B 160 -23.55 9.43 11.08
N GLY B 161 -23.34 8.17 10.73
CA GLY B 161 -24.39 7.16 10.89
C GLY B 161 -24.72 6.93 12.35
N ILE B 162 -23.68 6.90 13.19
CA ILE B 162 -23.90 6.66 14.61
C ILE B 162 -24.66 7.84 15.23
N LEU B 163 -24.24 9.05 14.89
CA LEU B 163 -24.90 10.27 15.38
C LEU B 163 -26.37 10.31 14.98
N ARG B 164 -26.69 9.85 13.77
CA ARG B 164 -28.07 9.83 13.34
C ARG B 164 -28.88 8.81 14.15
N LEU B 165 -28.35 7.59 14.27
CA LEU B 165 -28.97 6.53 15.05
C LEU B 165 -29.18 6.95 16.51
N ARG B 166 -28.24 7.71 17.06
CA ARG B 166 -28.30 8.11 18.47
C ARG B 166 -29.49 9.03 18.78
N ARG B 167 -30.21 9.47 17.74
CA ARG B 167 -31.39 10.31 17.93
C ARG B 167 -32.57 9.50 18.44
N LYS B 168 -32.52 8.18 18.23
CA LYS B 168 -33.55 7.26 18.72
C LYS B 168 -33.00 6.25 19.72
N PHE B 169 -31.85 5.67 19.40
CA PHE B 169 -31.28 4.61 20.23
C PHE B 169 -30.39 5.13 21.34
N GLU B 170 -30.60 4.59 22.53
CA GLU B 170 -29.96 5.08 23.73
C GLU B 170 -28.56 4.57 23.90
N ARG B 171 -28.27 3.40 23.33
CA ARG B 171 -26.93 2.84 23.38
C ARG B 171 -26.57 2.24 22.02
N ILE B 172 -25.38 2.54 21.54
CA ILE B 172 -24.97 2.03 20.23
C ILE B 172 -23.61 1.38 20.29
N LEU B 173 -23.53 0.18 19.71
CA LEU B 173 -22.28 -0.55 19.64
C LEU B 173 -21.73 -0.42 18.22
N TYR B 174 -20.52 0.11 18.12
CA TYR B 174 -19.81 0.14 16.85
C TYR B 174 -18.81 -1.00 16.85
N VAL B 175 -18.88 -1.85 15.82
CA VAL B 175 -17.96 -2.98 15.70
C VAL B 175 -17.17 -2.84 14.41
N ASP B 176 -15.85 -2.79 14.53
CA ASP B 176 -14.97 -2.46 13.41
C ASP B 176 -14.05 -3.63 13.07
N LEU B 177 -14.37 -4.39 12.03
CA LEU B 177 -13.56 -5.56 11.65
C LEU B 177 -12.56 -5.30 10.51
N ASP B 178 -12.44 -4.04 10.12
CA ASP B 178 -11.41 -3.62 9.18
C ASP B 178 -9.99 -3.97 9.74
N LEU B 179 -9.02 -4.19 8.86
CA LEU B 179 -7.66 -4.49 9.29
C LEU B 179 -7.07 -3.40 10.20
N HIS B 180 -7.51 -2.17 9.99
CA HIS B 180 -6.93 -1.01 10.65
C HIS B 180 -7.77 -0.57 11.86
N HIS B 181 -7.12 -0.01 12.87
CA HIS B 181 -7.84 0.56 14.02
C HIS B 181 -8.81 1.66 13.58
N GLY B 182 -10.09 1.53 13.94
CA GLY B 182 -11.06 2.57 13.64
C GLY B 182 -10.91 3.78 14.56
N ASP B 183 -9.76 4.44 14.46
CA ASP B 183 -9.43 5.52 15.38
C ASP B 183 -10.36 6.75 15.29
N GLY B 184 -10.81 7.07 14.09
CA GLY B 184 -11.66 8.24 13.89
C GLY B 184 -12.97 8.07 14.64
N VAL B 185 -13.58 6.90 14.51
CA VAL B 185 -14.85 6.62 15.15
C VAL B 185 -14.63 6.54 16.66
N GLU B 186 -13.57 5.85 17.07
CA GLU B 186 -13.27 5.72 18.49
C GLU B 186 -13.08 7.07 19.19
N ASP B 187 -12.16 7.89 18.65
CA ASP B 187 -11.90 9.22 19.21
C ASP B 187 -13.15 10.08 19.29
N ALA B 188 -14.01 9.99 18.27
CA ALA B 188 -15.27 10.72 18.25
C ALA B 188 -16.16 10.39 19.46
N PHE B 189 -16.15 9.12 19.88
CA PHE B 189 -17.04 8.71 20.95
C PHE B 189 -16.34 8.31 22.25
N SER B 190 -15.08 8.71 22.38
CA SER B 190 -14.25 8.22 23.46
C SER B 190 -14.60 8.87 24.81
N PHE B 191 -15.45 9.89 24.77
CA PHE B 191 -15.87 10.58 26.01
C PHE B 191 -17.31 10.27 26.38
N THR B 192 -17.95 9.36 25.65
CA THR B 192 -19.32 9.00 25.98
C THR B 192 -19.47 7.51 26.31
N SER B 193 -20.44 7.21 27.18
CA SER B 193 -20.75 5.83 27.59
C SER B 193 -21.97 5.36 26.84
N LYS B 194 -22.48 6.21 25.96
CA LYS B 194 -23.70 5.89 25.22
C LYS B 194 -23.35 5.20 23.90
N VAL B 195 -22.09 5.34 23.46
CA VAL B 195 -21.59 4.67 22.26
C VAL B 195 -20.35 3.89 22.63
N MET B 196 -20.41 2.58 22.47
CA MET B 196 -19.22 1.77 22.69
C MET B 196 -18.61 1.34 21.37
N THR B 197 -17.29 1.46 21.25
CA THR B 197 -16.62 1.06 20.02
C THR B 197 -15.75 -0.17 20.29
N VAL B 198 -15.80 -1.15 19.37
CA VAL B 198 -14.98 -2.34 19.48
C VAL B 198 -14.22 -2.49 18.18
N SER B 199 -12.88 -2.50 18.24
CA SER B 199 -12.08 -2.65 17.01
C SER B 199 -11.14 -3.83 17.14
N LEU B 200 -11.18 -4.72 16.14
CA LEU B 200 -10.18 -5.77 16.00
C LEU B 200 -9.30 -5.32 14.84
N HIS B 201 -7.99 -5.30 15.04
CA HIS B 201 -7.10 -4.71 14.04
C HIS B 201 -5.67 -5.15 14.24
N LYS B 202 -4.88 -5.03 13.18
CA LYS B 202 -3.45 -5.26 13.30
C LYS B 202 -2.86 -4.12 14.14
N PHE B 203 -2.00 -4.48 15.08
CA PHE B 203 -1.34 -3.49 15.91
C PHE B 203 0.11 -3.87 16.02
N SER B 204 0.98 -2.97 15.58
CA SER B 204 2.39 -3.29 15.47
C SER B 204 3.12 -1.99 15.16
N PRO B 205 4.30 -1.79 15.78
CA PRO B 205 5.03 -0.52 15.61
C PRO B 205 5.36 -0.24 14.16
N GLY B 206 4.88 0.89 13.66
CA GLY B 206 5.09 1.24 12.27
C GLY B 206 3.87 1.01 11.39
N PHE B 207 2.90 0.25 11.90
CA PHE B 207 1.67 -0.04 11.15
C PHE B 207 0.54 0.97 11.45
N PHE B 208 0.01 1.57 10.39
CA PHE B 208 -1.02 2.60 10.47
C PHE B 208 -2.29 2.17 11.23
N PRO B 209 -2.85 3.07 12.05
CA PRO B 209 -2.38 4.42 12.39
C PRO B 209 -1.59 4.46 13.70
N GLY B 210 -1.37 3.32 14.34
CA GLY B 210 -0.44 3.26 15.45
C GLY B 210 -1.12 3.16 16.79
N THR B 211 -2.40 3.52 16.80
CA THR B 211 -3.20 3.53 18.01
C THR B 211 -3.94 2.21 18.19
N GLY B 212 -4.59 2.04 19.33
CA GLY B 212 -5.51 0.93 19.52
C GLY B 212 -4.94 -0.28 20.25
N ASP B 213 -4.00 -0.04 21.16
CA ASP B 213 -3.58 -1.11 22.04
C ASP B 213 -4.73 -1.45 23.00
N VAL B 214 -4.65 -2.59 23.68
CA VAL B 214 -5.75 -3.00 24.54
C VAL B 214 -5.90 -2.06 25.74
N SER B 215 -4.82 -1.33 26.05
CA SER B 215 -4.85 -0.33 27.12
C SER B 215 -5.66 0.90 26.74
N ASP B 216 -5.94 1.06 25.46
CA ASP B 216 -6.79 2.15 24.96
C ASP B 216 -8.24 1.83 25.32
N VAL B 217 -8.80 2.47 26.35
CA VAL B 217 -10.13 2.13 26.83
C VAL B 217 -11.14 3.27 26.83
N GLY B 218 -10.72 4.46 26.40
CA GLY B 218 -11.62 5.60 26.39
C GLY B 218 -11.31 6.57 27.53
N LEU B 219 -11.99 7.70 27.59
CA LEU B 219 -11.65 8.77 28.53
C LEU B 219 -12.86 9.33 29.27
N GLY B 220 -12.64 9.79 30.49
CA GLY B 220 -13.70 10.42 31.27
C GLY B 220 -14.90 9.50 31.45
N LYS B 221 -16.08 10.02 31.14
CA LYS B 221 -17.31 9.24 31.20
C LYS B 221 -17.30 8.10 30.19
N GLY B 222 -16.46 8.23 29.17
CA GLY B 222 -16.31 7.16 28.18
C GLY B 222 -15.26 6.12 28.56
N ARG B 223 -14.65 6.26 29.75
CA ARG B 223 -13.66 5.26 30.18
C ARG B 223 -14.30 3.89 30.28
N TYR B 224 -13.67 2.91 29.64
CA TYR B 224 -14.13 1.51 29.51
C TYR B 224 -15.15 1.28 28.38
N TYR B 225 -15.47 2.33 27.63
CA TYR B 225 -16.43 2.16 26.56
C TYR B 225 -15.75 2.14 25.18
N SER B 226 -14.42 2.17 25.19
CA SER B 226 -13.65 1.81 24.00
C SER B 226 -13.00 0.44 24.21
N VAL B 227 -13.15 -0.45 23.22
CA VAL B 227 -12.56 -1.79 23.28
C VAL B 227 -11.66 -2.02 22.08
N ASN B 228 -10.40 -2.38 22.32
CA ASN B 228 -9.41 -2.62 21.26
C ASN B 228 -8.75 -3.99 21.37
N VAL B 229 -8.75 -4.73 20.28
CA VAL B 229 -8.18 -6.07 20.25
C VAL B 229 -7.03 -6.07 19.28
N PRO B 230 -5.81 -5.84 19.78
CA PRO B 230 -4.64 -5.80 18.90
C PRO B 230 -4.25 -7.19 18.42
N ILE B 231 -4.08 -7.37 17.10
CA ILE B 231 -3.80 -8.69 16.53
C ILE B 231 -2.55 -8.63 15.65
N GLN B 232 -1.83 -9.74 15.54
CA GLN B 232 -0.63 -9.80 14.71
C GLN B 232 -0.94 -10.38 13.33
N ASP B 233 0.02 -10.30 12.41
CA ASP B 233 -0.11 -10.87 11.07
C ASP B 233 -0.50 -12.34 11.05
N GLY B 234 -1.21 -12.73 10.00
CA GLY B 234 -1.38 -14.13 9.68
C GLY B 234 -2.57 -14.81 10.29
N ILE B 235 -3.37 -14.06 11.04
CA ILE B 235 -4.58 -14.64 11.63
C ILE B 235 -5.54 -15.22 10.58
N GLN B 236 -6.07 -16.41 10.87
CA GLN B 236 -7.02 -17.08 9.97
C GLN B 236 -8.43 -17.14 10.57
N ASP B 237 -9.39 -17.66 9.80
CA ASP B 237 -10.80 -17.63 10.17
C ASP B 237 -11.14 -18.13 11.57
N GLU B 238 -10.67 -19.33 11.90
CA GLU B 238 -11.08 -19.96 13.15
C GLU B 238 -10.64 -19.16 14.38
N LYS B 239 -9.35 -18.88 14.49
CA LYS B 239 -8.80 -18.11 15.61
C LYS B 239 -9.50 -16.74 15.69
N TYR B 240 -9.64 -16.09 14.53
CA TYR B 240 -10.28 -14.78 14.46
C TYR B 240 -11.69 -14.83 15.04
N TYR B 241 -12.51 -15.75 14.55
CA TYR B 241 -13.89 -15.87 15.05
C TYR B 241 -13.94 -16.12 16.55
N GLN B 242 -13.07 -16.98 17.05
CA GLN B 242 -13.08 -17.29 18.48
C GLN B 242 -12.82 -16.04 19.31
N ILE B 243 -11.86 -15.24 18.84
CA ILE B 243 -11.51 -13.99 19.52
C ILE B 243 -12.67 -13.02 19.44
N CYS B 244 -13.23 -12.88 18.25
CA CYS B 244 -14.33 -11.94 18.02
C CYS B 244 -15.57 -12.31 18.80
N GLU B 245 -15.90 -13.60 18.83
CA GLU B 245 -17.11 -14.06 19.49
C GLU B 245 -17.04 -13.87 21.00
N SER B 246 -15.86 -14.09 21.57
CA SER B 246 -15.73 -14.01 23.03
C SER B 246 -15.75 -12.56 23.49
N VAL B 247 -15.12 -11.67 22.72
CA VAL B 247 -15.23 -10.24 22.98
C VAL B 247 -16.68 -9.79 22.86
N LEU B 248 -17.33 -10.15 21.76
CA LEU B 248 -18.69 -9.67 21.52
C LEU B 248 -19.69 -10.22 22.53
N LYS B 249 -19.48 -11.44 22.99
CA LYS B 249 -20.34 -12.04 24.01
C LYS B 249 -20.28 -11.21 25.28
N GLU B 250 -19.07 -10.90 25.70
CA GLU B 250 -18.85 -10.08 26.88
C GLU B 250 -19.38 -8.65 26.70
N VAL B 251 -19.12 -8.07 25.53
CA VAL B 251 -19.58 -6.71 25.24
C VAL B 251 -21.09 -6.64 25.24
N TYR B 252 -21.73 -7.60 24.60
CA TYR B 252 -23.18 -7.62 24.55
C TYR B 252 -23.78 -7.68 25.96
N GLN B 253 -23.34 -8.66 26.76
CA GLN B 253 -23.93 -8.80 28.08
C GLN B 253 -23.58 -7.63 29.01
N ALA B 254 -22.40 -7.03 28.85
CA ALA B 254 -22.03 -5.87 29.65
C ALA B 254 -22.71 -4.58 29.19
N PHE B 255 -22.73 -4.34 27.88
CA PHE B 255 -23.19 -3.05 27.33
C PHE B 255 -24.66 -3.02 26.93
N ASN B 256 -25.22 -4.17 26.56
CA ASN B 256 -26.62 -4.27 26.13
C ASN B 256 -27.04 -3.22 25.10
N PRO B 257 -26.44 -3.26 23.90
CA PRO B 257 -26.68 -2.21 22.90
C PRO B 257 -28.10 -2.26 22.33
N LYS B 258 -28.61 -1.11 21.91
CA LYS B 258 -29.95 -1.06 21.33
C LYS B 258 -29.88 -1.07 19.81
N ALA B 259 -28.70 -0.79 19.28
CA ALA B 259 -28.46 -0.84 17.83
C ALA B 259 -26.97 -1.01 17.53
N VAL B 260 -26.66 -1.50 16.33
CA VAL B 260 -25.28 -1.82 15.98
C VAL B 260 -24.88 -1.20 14.64
N VAL B 261 -23.67 -0.64 14.58
CA VAL B 261 -23.04 -0.25 13.32
C VAL B 261 -21.81 -1.15 13.13
N LEU B 262 -21.72 -1.79 11.97
CA LEU B 262 -20.70 -2.80 11.75
C LEU B 262 -19.86 -2.47 10.51
N GLN B 263 -18.58 -2.16 10.70
CA GLN B 263 -17.69 -1.93 9.57
C GLN B 263 -17.00 -3.23 9.18
N LEU B 264 -17.05 -3.56 7.90
CA LEU B 264 -16.51 -4.82 7.41
C LEU B 264 -15.45 -4.65 6.32
N GLY B 265 -14.47 -3.78 6.56
CA GLY B 265 -13.39 -3.57 5.60
C GLY B 265 -12.74 -4.89 5.23
N ALA B 266 -12.58 -5.13 3.92
CA ALA B 266 -12.12 -6.43 3.46
C ALA B 266 -10.61 -6.47 3.30
N ASP B 267 -9.89 -5.55 3.93
CA ASP B 267 -8.44 -5.57 3.76
C ASP B 267 -7.78 -6.57 4.73
N THR B 268 -8.61 -7.35 5.42
CA THR B 268 -8.15 -8.49 6.22
C THR B 268 -8.07 -9.77 5.38
N ILE B 269 -8.71 -9.75 4.21
CA ILE B 269 -8.86 -10.95 3.39
C ILE B 269 -7.57 -11.35 2.66
N ALA B 270 -7.22 -12.64 2.71
CA ALA B 270 -6.05 -13.16 2.00
C ALA B 270 -6.03 -12.62 0.56
N GLY B 271 -4.85 -12.18 0.10
CA GLY B 271 -4.74 -11.69 -1.26
C GLY B 271 -4.81 -10.17 -1.32
N ASP B 272 -5.11 -9.52 -0.19
CA ASP B 272 -5.11 -8.06 -0.15
C ASP B 272 -3.67 -7.55 -0.17
N PRO B 273 -3.41 -6.46 -0.91
CA PRO B 273 -2.07 -5.86 -0.96
C PRO B 273 -1.48 -5.57 0.44
N MET B 274 -2.32 -5.27 1.42
CA MET B 274 -1.84 -5.05 2.79
C MET B 274 -1.11 -6.29 3.29
N CYS B 275 -1.50 -7.44 2.77
CA CYS B 275 -0.84 -8.72 3.05
C CYS B 275 -0.51 -8.91 4.54
N SER B 276 -1.50 -8.70 5.40
CA SER B 276 -1.29 -8.77 6.84
C SER B 276 -2.08 -9.92 7.45
N PHE B 277 -3.40 -9.77 7.60
CA PHE B 277 -4.21 -10.88 8.08
C PHE B 277 -4.33 -11.91 6.95
N ASN B 278 -4.94 -13.05 7.26
CA ASN B 278 -5.07 -14.14 6.30
C ASN B 278 -6.48 -14.74 6.37
N MET B 279 -7.48 -13.86 6.35
CA MET B 279 -8.88 -14.20 6.53
C MET B 279 -9.59 -14.57 5.22
N THR B 280 -10.71 -15.27 5.33
CA THR B 280 -11.60 -15.49 4.19
C THR B 280 -12.96 -14.88 4.55
N PRO B 281 -13.78 -14.60 3.54
CA PRO B 281 -15.08 -14.00 3.85
C PRO B 281 -15.94 -14.89 4.75
N VAL B 282 -15.69 -16.20 4.74
CA VAL B 282 -16.43 -17.12 5.60
C VAL B 282 -16.19 -16.80 7.07
N GLY B 283 -14.95 -16.50 7.43
CA GLY B 283 -14.64 -16.20 8.82
C GLY B 283 -15.30 -14.91 9.27
N ILE B 284 -15.22 -13.91 8.40
CA ILE B 284 -15.91 -12.64 8.65
C ILE B 284 -17.41 -12.91 8.76
N GLY B 285 -17.93 -13.71 7.83
CA GLY B 285 -19.34 -14.08 7.84
C GLY B 285 -19.83 -14.67 9.15
N LYS B 286 -19.01 -15.48 9.80
CA LYS B 286 -19.38 -16.03 11.11
C LYS B 286 -19.50 -14.92 12.17
N CYS B 287 -18.64 -13.92 12.11
CA CYS B 287 -18.74 -12.81 13.06
C CYS B 287 -20.05 -12.06 12.82
N LEU B 288 -20.34 -11.81 11.54
CA LEU B 288 -21.56 -11.14 11.11
C LEU B 288 -22.83 -11.88 11.58
N LYS B 289 -22.84 -13.21 11.45
CA LYS B 289 -23.97 -14.01 11.91
C LYS B 289 -24.17 -13.87 13.41
N TYR B 290 -23.08 -13.86 14.16
CA TYR B 290 -23.17 -13.72 15.60
C TYR B 290 -23.81 -12.41 15.99
N ILE B 291 -23.70 -11.41 15.11
CA ILE B 291 -24.25 -10.09 15.39
C ILE B 291 -25.71 -10.01 14.95
N LEU B 292 -26.02 -10.50 13.76
CA LEU B 292 -27.40 -10.52 13.26
C LEU B 292 -28.31 -11.29 14.23
N GLN B 293 -27.77 -12.34 14.83
CA GLN B 293 -28.52 -13.16 15.79
C GLN B 293 -29.07 -12.34 16.99
N TRP B 294 -28.46 -11.19 17.26
CA TRP B 294 -28.95 -10.25 18.30
C TRP B 294 -30.29 -9.62 17.92
N GLN B 295 -30.64 -9.70 16.64
CA GLN B 295 -31.87 -9.07 16.12
C GLN B 295 -32.03 -7.60 16.48
N LEU B 296 -30.92 -6.85 16.50
CA LEU B 296 -30.95 -5.42 16.72
C LEU B 296 -30.91 -4.69 15.40
N ALA B 297 -31.35 -3.43 15.39
CA ALA B 297 -31.18 -2.58 14.23
C ALA B 297 -29.69 -2.55 13.90
N THR B 298 -29.35 -2.92 12.66
CA THR B 298 -27.95 -3.08 12.28
C THR B 298 -27.58 -2.35 10.98
N LEU B 299 -26.56 -1.49 11.08
CA LEU B 299 -26.11 -0.72 9.92
C LEU B 299 -24.78 -1.31 9.44
N ILE B 300 -24.76 -1.79 8.19
CA ILE B 300 -23.59 -2.50 7.66
C ILE B 300 -22.80 -1.59 6.73
N LEU B 301 -21.50 -1.49 6.96
CA LEU B 301 -20.65 -0.63 6.15
C LEU B 301 -19.49 -1.43 5.59
N GLY B 302 -18.93 -0.95 4.49
CA GLY B 302 -17.69 -1.50 3.94
C GLY B 302 -16.48 -0.88 4.62
N GLY B 303 -15.52 -0.47 3.79
CA GLY B 303 -14.32 0.14 4.32
C GLY B 303 -13.16 -0.18 3.39
N GLY B 304 -12.04 -0.57 3.97
CA GLY B 304 -10.88 -0.91 3.19
C GLY B 304 -11.12 -2.16 2.39
N GLY B 305 -10.19 -2.46 1.49
CA GLY B 305 -10.29 -3.63 0.63
C GLY B 305 -9.69 -3.25 -0.71
N TYR B 306 -8.50 -3.75 -0.98
CA TYR B 306 -7.70 -3.20 -2.07
C TYR B 306 -7.36 -4.21 -3.15
N ASN B 307 -7.73 -5.46 -2.91
CA ASN B 307 -7.84 -6.44 -3.99
C ASN B 307 -9.29 -6.35 -4.42
N LEU B 308 -9.54 -5.68 -5.54
CA LEU B 308 -10.90 -5.24 -5.86
C LEU B 308 -11.81 -6.45 -6.08
N ALA B 309 -11.35 -7.41 -6.86
CA ALA B 309 -12.14 -8.62 -7.10
C ALA B 309 -12.41 -9.35 -5.79
N ASN B 310 -11.40 -9.48 -4.93
CA ASN B 310 -11.61 -10.15 -3.65
C ASN B 310 -12.56 -9.38 -2.77
N THR B 311 -12.49 -8.05 -2.84
CA THR B 311 -13.39 -7.25 -2.01
C THR B 311 -14.83 -7.47 -2.47
N ALA B 312 -15.05 -7.49 -3.79
CA ALA B 312 -16.37 -7.80 -4.30
C ALA B 312 -16.79 -9.20 -3.88
N ARG B 313 -15.91 -10.20 -4.02
CA ARG B 313 -16.23 -11.56 -3.56
C ARG B 313 -16.65 -11.52 -2.10
N CYS B 314 -15.89 -10.79 -1.30
CA CYS B 314 -16.19 -10.73 0.14
C CYS B 314 -17.57 -10.14 0.44
N TRP B 315 -17.81 -8.93 -0.04
CA TRP B 315 -19.06 -8.25 0.30
C TRP B 315 -20.28 -8.89 -0.34
N THR B 316 -20.11 -9.48 -1.52
CA THR B 316 -21.18 -10.28 -2.12
C THR B 316 -21.51 -11.47 -1.23
N TYR B 317 -20.48 -12.21 -0.81
CA TYR B 317 -20.72 -13.34 0.09
C TYR B 317 -21.43 -12.89 1.35
N LEU B 318 -20.98 -11.79 1.94
CA LEU B 318 -21.54 -11.33 3.22
C LEU B 318 -22.99 -10.90 3.05
N THR B 319 -23.31 -10.41 1.85
CA THR B 319 -24.67 -10.03 1.52
C THR B 319 -25.52 -11.29 1.50
N GLY B 320 -24.94 -12.37 0.95
CA GLY B 320 -25.61 -13.66 0.95
C GLY B 320 -25.86 -14.14 2.36
N VAL B 321 -24.89 -13.90 3.24
CA VAL B 321 -25.03 -14.25 4.64
C VAL B 321 -26.19 -13.50 5.32
N ILE B 322 -26.30 -12.20 5.01
CA ILE B 322 -27.39 -11.38 5.53
C ILE B 322 -28.75 -11.93 5.09
N LEU B 323 -28.82 -12.40 3.84
CA LEU B 323 -30.06 -12.95 3.27
C LEU B 323 -30.27 -14.43 3.57
N GLY B 324 -29.32 -15.06 4.24
CA GLY B 324 -29.40 -16.48 4.55
C GLY B 324 -29.37 -17.38 3.33
N LYS B 325 -28.68 -16.93 2.28
CA LYS B 325 -28.60 -17.67 1.02
C LYS B 325 -27.22 -18.26 0.81
N THR B 326 -27.16 -19.46 0.24
CA THR B 326 -25.90 -20.04 -0.20
C THR B 326 -25.71 -19.72 -1.68
N LEU B 327 -24.60 -19.06 -2.01
CA LEU B 327 -24.35 -18.63 -3.37
C LEU B 327 -23.65 -19.73 -4.15
N SER B 328 -23.81 -19.70 -5.48
CA SER B 328 -23.11 -20.63 -6.34
C SER B 328 -21.62 -20.34 -6.27
N SER B 329 -20.81 -21.39 -6.16
CA SER B 329 -19.35 -21.24 -6.11
C SER B 329 -18.78 -20.56 -7.34
N GLU B 330 -19.45 -20.70 -8.47
CA GLU B 330 -18.94 -20.13 -9.72
C GLU B 330 -19.39 -18.68 -9.85
N ILE B 331 -18.45 -17.80 -10.16
CA ILE B 331 -18.76 -16.41 -10.45
C ILE B 331 -19.56 -16.34 -11.75
N PRO B 332 -20.76 -15.75 -11.71
CA PRO B 332 -21.59 -15.58 -12.91
C PRO B 332 -20.92 -14.61 -13.88
N ASP B 333 -21.13 -14.76 -15.19
CA ASP B 333 -20.69 -13.73 -16.12
C ASP B 333 -21.38 -12.41 -15.79
N HIS B 334 -20.63 -11.32 -15.91
CA HIS B 334 -21.13 -9.97 -15.70
C HIS B 334 -20.08 -8.99 -16.20
N GLU B 335 -20.31 -7.70 -15.98
CA GLU B 335 -19.42 -6.64 -16.45
C GLU B 335 -17.91 -6.91 -16.24
N PHE B 336 -17.58 -7.37 -15.03
CA PHE B 336 -16.19 -7.50 -14.63
C PHE B 336 -15.71 -8.95 -14.51
N PHE B 337 -16.43 -9.88 -15.14
CA PHE B 337 -16.11 -11.30 -15.05
C PHE B 337 -14.62 -11.62 -15.31
N THR B 338 -13.98 -10.91 -16.25
CA THR B 338 -12.59 -11.22 -16.59
C THR B 338 -11.61 -10.97 -15.43
N ALA B 339 -12.02 -10.13 -14.48
CA ALA B 339 -11.15 -9.81 -13.36
C ALA B 339 -11.11 -10.94 -12.32
N TYR B 340 -11.91 -11.98 -12.53
CA TYR B 340 -12.03 -13.05 -11.51
C TYR B 340 -11.17 -14.29 -11.74
N GLY B 341 -10.28 -14.21 -12.74
CA GLY B 341 -9.32 -15.27 -13.01
C GLY B 341 -8.25 -15.34 -11.93
N PRO B 342 -7.45 -16.42 -11.92
CA PRO B 342 -7.49 -17.53 -12.89
C PRO B 342 -8.61 -18.55 -12.64
N ASP B 343 -9.24 -18.52 -11.46
CA ASP B 343 -10.17 -19.60 -11.13
C ASP B 343 -11.66 -19.29 -11.22
N TYR B 344 -12.03 -18.01 -11.25
CA TYR B 344 -13.44 -17.63 -11.45
C TYR B 344 -14.42 -18.24 -10.44
N VAL B 345 -13.99 -18.37 -9.19
CA VAL B 345 -14.88 -18.83 -8.11
C VAL B 345 -15.02 -17.78 -7.00
N LEU B 346 -16.04 -17.96 -6.16
CA LEU B 346 -16.36 -17.01 -5.09
C LEU B 346 -15.47 -17.21 -3.86
N GLU B 347 -15.10 -18.46 -3.60
CA GLU B 347 -14.30 -18.80 -2.42
C GLU B 347 -12.88 -18.25 -2.52
N ILE B 348 -12.34 -17.83 -1.38
CA ILE B 348 -10.98 -17.32 -1.34
C ILE B 348 -10.13 -18.24 -0.49
N THR B 349 -8.96 -18.60 -1.01
CA THR B 349 -8.03 -19.52 -0.35
C THR B 349 -6.99 -18.76 0.46
N PRO B 350 -6.83 -19.11 1.74
CA PRO B 350 -5.83 -18.46 2.62
C PRO B 350 -4.42 -18.58 2.02
N SER B 351 -3.55 -17.60 2.24
CA SER B 351 -2.17 -17.71 1.75
C SER B 351 -1.42 -18.70 2.62
N CYS B 352 -0.35 -19.30 2.10
CA CYS B 352 0.47 -20.18 2.93
CA CYS B 352 0.48 -20.20 2.90
C CYS B 352 1.56 -19.41 3.65
N ARG B 353 1.17 -18.71 4.71
CA ARG B 353 2.16 -18.02 5.55
C ARG B 353 1.77 -18.09 7.02
N PRO B 354 2.75 -17.93 7.93
CA PRO B 354 2.47 -18.22 9.35
C PRO B 354 1.53 -17.24 10.06
N ASP B 355 0.79 -17.78 11.03
CA ASP B 355 0.02 -16.99 11.96
C ASP B 355 0.99 -16.59 13.07
N ARG B 356 1.21 -15.29 13.27
CA ARG B 356 2.15 -14.82 14.28
C ARG B 356 1.47 -14.55 15.61
N ASN B 357 0.24 -15.04 15.77
CA ASN B 357 -0.50 -14.84 17.02
C ASN B 357 -0.31 -15.98 18.02
N GLU B 358 0.61 -15.80 18.96
CA GLU B 358 0.81 -16.76 20.06
C GLU B 358 -0.42 -16.77 20.97
N PRO B 359 -1.02 -17.95 21.18
CA PRO B 359 -2.29 -18.05 21.92
C PRO B 359 -2.25 -17.48 23.34
N HIS B 360 -1.09 -17.43 23.97
CA HIS B 360 -1.01 -16.88 25.32
C HIS B 360 -1.13 -15.36 25.35
N ARG B 361 -0.51 -14.69 24.37
CA ARG B 361 -0.70 -13.25 24.19
C ARG B 361 -2.18 -12.92 23.96
N ILE B 362 -2.82 -13.69 23.08
CA ILE B 362 -4.25 -13.52 22.82
C ILE B 362 -5.07 -13.63 24.10
N GLN B 363 -4.81 -14.67 24.89
CA GLN B 363 -5.56 -14.91 26.12
C GLN B 363 -5.51 -13.73 27.11
N GLN B 364 -4.32 -13.19 27.34
CA GLN B 364 -4.24 -12.09 28.30
C GLN B 364 -4.93 -10.83 27.77
N ILE B 365 -4.77 -10.58 26.47
CA ILE B 365 -5.51 -9.52 25.79
C ILE B 365 -7.01 -9.66 26.11
N LEU B 366 -7.55 -10.86 25.93
CA LEU B 366 -8.95 -11.11 26.28
C LEU B 366 -9.22 -10.94 27.78
N ASN B 367 -8.25 -11.27 28.62
CA ASN B 367 -8.41 -11.11 30.08
C ASN B 367 -8.54 -9.63 30.48
N TYR B 368 -7.68 -8.78 29.92
CA TYR B 368 -7.80 -7.32 30.10
C TYR B 368 -9.17 -6.79 29.72
N ILE B 369 -9.68 -7.22 28.58
CA ILE B 369 -10.94 -6.70 28.09
C ILE B 369 -12.08 -7.05 29.05
N LYS B 370 -12.10 -8.30 29.50
CA LYS B 370 -13.10 -8.73 30.48
C LYS B 370 -12.98 -7.91 31.78
N GLY B 371 -11.75 -7.60 32.17
CA GLY B 371 -11.50 -6.75 33.33
C GLY B 371 -12.12 -5.38 33.13
N ASN B 372 -11.85 -4.79 31.97
CA ASN B 372 -12.41 -3.50 31.61
C ASN B 372 -13.93 -3.53 31.56
N LEU B 373 -14.50 -4.58 30.98
CA LEU B 373 -15.95 -4.63 30.83
C LEU B 373 -16.69 -4.80 32.15
N LYS B 374 -15.98 -5.25 33.18
CA LYS B 374 -16.61 -5.36 34.49
C LYS B 374 -17.05 -4.01 35.03
N HIS B 375 -16.27 -2.96 34.74
CA HIS B 375 -16.65 -1.59 35.12
C HIS B 375 -17.91 -1.09 34.40
N VAL B 376 -18.32 -1.76 33.34
CA VAL B 376 -19.47 -1.29 32.56
C VAL B 376 -20.82 -1.61 33.23
N VAL B 377 -21.26 -0.67 34.09
CA VAL B 377 -22.54 -0.70 34.79
C VAL B 377 -22.94 -2.09 35.33
#